data_8ZL3
#
_entry.id   8ZL3
#
_cell.length_a   1.00
_cell.length_b   1.00
_cell.length_c   1.00
_cell.angle_alpha   90.00
_cell.angle_beta   90.00
_cell.angle_gamma   90.00
#
_symmetry.space_group_name_H-M   'P 1'
#
loop_
_entity.id
_entity.type
_entity.pdbx_description
1 polymer "Protein I'm not dead yet"
2 non-polymer PHOSPHATIDYLETHANOLAMINE
3 non-polymer 2-acetamido-2-deoxy-beta-D-glucopyranose
4 non-polymer "4,4'-Diisothiocyano-2,2'-stilbenedisulfonic acid"
#
_entity_poly.entity_id   1
_entity_poly.type   'polypeptide(L)'
_entity_poly.pdbx_seq_one_letter_code
;MATETTKMIYTPPPLDIKMEIEIGEQPQPPVKCSNFFANHWKGLVVFLVPLLCLPVMLLNEGAEFRCMYLLLVMAIFWVT
EALPLYVTSMIPIVAFPIMGIMSSDQTCRLYFKDTLVMFMGGIMVALAVEYCNLHKRLALRVIQIVGCSPRRLHFGLIMV
TMFLSMWISNAACTAMMCPIIQAVLEELQAQGVCKINHEPQYQIVGGNKKNNEDEPPYPTKITLCYYLGIAYASSLGGCG
TIIGTATNLTFKGIYEARFKNSTEQMDFPTFMFYSVPSMLVYTLLTFVFLQWHFMGLWRPKSKEAQEVQRGREGADVAKK
VIDQRYKDLGPMSIHEIQVMILFIFMVVMYFTRKPGIFLGWADLLNSKDIRNSMPTIFVVVMCFMLPANYAFLRYCTRRG
GPVPTGPTPSLITWKFIQTKVPWGLVFLLGGGFALAEGSKQSGMAKLIGNALIGLKVLPNSVLLLVVILVAVFLTAFSSN
VAIANIIIPVLAEMSLAIEIHPLYLILPAGLACSMAFHLPVSTPPNALVAGYANIRTKDMAIAGIGPTIITIITLFVFCQ
TWGLVVYPNLNSFPEWAQIYAAAALGNKTH
;
_entity_poly.pdbx_strand_id   A,B
#
# COMPACT_ATOMS: atom_id res chain seq x y z
N CYS A 33 27.16 36.21 -1.02
CA CYS A 33 25.92 35.50 -0.73
C CYS A 33 25.61 34.44 -1.78
N SER A 34 26.53 34.27 -2.74
CA SER A 34 26.35 33.21 -3.73
C SER A 34 26.37 31.84 -3.07
N ASN A 35 27.19 31.69 -2.03
CA ASN A 35 27.24 30.42 -1.31
C ASN A 35 25.87 30.07 -0.72
N PHE A 36 25.10 31.09 -0.34
CA PHE A 36 23.77 30.84 0.20
C PHE A 36 22.87 30.18 -0.83
N PHE A 37 22.89 30.68 -2.07
CA PHE A 37 22.17 30.00 -3.13
C PHE A 37 22.73 28.62 -3.38
N ALA A 38 24.06 28.49 -3.30
CA ALA A 38 24.68 27.20 -3.58
C ALA A 38 24.24 26.13 -2.60
N ASN A 39 23.98 26.52 -1.35
CA ASN A 39 23.66 25.52 -0.33
C ASN A 39 22.17 25.29 -0.15
N HIS A 40 21.37 26.34 -0.12
CA HIS A 40 19.96 26.25 0.29
C HIS A 40 18.99 26.56 -0.84
N TRP A 41 19.26 26.05 -2.05
CA TRP A 41 18.35 26.35 -3.14
C TRP A 41 17.09 25.50 -3.10
N LYS A 42 17.17 24.28 -2.59
CA LYS A 42 16.01 23.38 -2.63
C LYS A 42 14.85 23.94 -1.83
N GLY A 43 15.09 24.30 -0.57
CA GLY A 43 14.04 24.89 0.23
C GLY A 43 13.57 26.22 -0.33
N LEU A 44 14.47 26.96 -0.98
CA LEU A 44 14.06 28.20 -1.61
C LEU A 44 13.03 27.94 -2.70
N VAL A 45 13.26 26.91 -3.52
CA VAL A 45 12.29 26.51 -4.52
C VAL A 45 10.97 26.12 -3.86
N VAL A 46 11.07 25.28 -2.81
CA VAL A 46 9.87 24.79 -2.14
C VAL A 46 9.03 25.96 -1.63
N PHE A 47 9.69 26.98 -1.08
CA PHE A 47 8.96 28.11 -0.53
C PHE A 47 8.40 29.01 -1.62
N LEU A 48 9.14 29.20 -2.72
CA LEU A 48 8.75 30.25 -3.66
C LEU A 48 7.76 29.77 -4.71
N VAL A 49 7.89 28.53 -5.19
CA VAL A 49 7.16 28.13 -6.40
C VAL A 49 5.65 28.31 -6.28
N PRO A 50 4.98 27.83 -5.22
CA PRO A 50 3.53 28.01 -5.17
C PRO A 50 3.08 29.45 -5.24
N LEU A 51 3.81 30.37 -4.60
CA LEU A 51 3.43 31.77 -4.67
C LEU A 51 3.54 32.31 -6.08
N LEU A 52 4.57 31.89 -6.81
CA LEU A 52 4.72 32.38 -8.19
C LEU A 52 3.69 31.77 -9.12
N CYS A 53 3.25 30.54 -8.85
CA CYS A 53 2.25 29.91 -9.71
C CYS A 53 0.82 30.24 -9.32
N LEU A 54 0.61 30.93 -8.21
CA LEU A 54 -0.73 31.32 -7.79
C LEU A 54 -1.55 32.10 -8.83
N PRO A 55 -0.97 32.99 -9.65
CA PRO A 55 -1.81 33.73 -10.61
C PRO A 55 -2.61 32.84 -11.54
N VAL A 56 -2.19 31.60 -11.78
CA VAL A 56 -2.94 30.72 -12.65
C VAL A 56 -4.36 30.53 -12.13
N MET A 57 -4.50 30.25 -10.83
CA MET A 57 -5.83 30.20 -10.26
C MET A 57 -6.43 31.60 -10.14
N LEU A 58 -5.63 32.58 -9.73
CA LEU A 58 -6.22 33.87 -9.38
C LEU A 58 -6.91 34.53 -10.58
N LEU A 59 -6.27 34.52 -11.75
CA LEU A 59 -6.84 35.25 -12.89
C LEU A 59 -8.01 34.52 -13.55
N ASN A 60 -8.01 33.20 -13.56
CA ASN A 60 -8.99 32.43 -14.31
C ASN A 60 -9.99 31.77 -13.37
N GLU A 61 -11.14 31.39 -13.93
CA GLU A 61 -12.29 31.08 -13.09
C GLU A 61 -12.51 29.58 -12.85
N GLY A 62 -12.46 28.76 -13.89
CA GLY A 62 -12.92 27.40 -13.78
C GLY A 62 -12.08 26.52 -12.86
N ALA A 63 -12.60 25.30 -12.63
CA ALA A 63 -11.87 24.34 -11.81
C ALA A 63 -10.70 23.72 -12.57
N GLU A 64 -10.78 23.68 -13.89
CA GLU A 64 -9.68 23.15 -14.68
C GLU A 64 -8.41 23.95 -14.46
N PHE A 65 -8.53 25.25 -14.21
CA PHE A 65 -7.33 26.03 -13.95
C PHE A 65 -6.72 25.71 -12.59
N ARG A 66 -7.56 25.38 -11.60
CA ARG A 66 -7.00 24.91 -10.33
C ARG A 66 -6.27 23.59 -10.51
N CYS A 67 -6.86 22.68 -11.29
CA CYS A 67 -6.17 21.43 -11.57
C CYS A 67 -4.85 21.69 -12.30
N MET A 68 -4.84 22.66 -13.21
CA MET A 68 -3.62 23.00 -13.92
C MET A 68 -2.56 23.55 -12.98
N TYR A 69 -2.96 24.39 -12.04
CA TYR A 69 -2.01 24.90 -11.05
C TYR A 69 -1.38 23.76 -10.28
N LEU A 70 -2.21 22.81 -9.82
CA LEU A 70 -1.67 21.67 -9.08
C LEU A 70 -0.69 20.89 -9.94
N LEU A 71 -1.06 20.63 -11.20
CA LEU A 71 -0.19 19.85 -12.07
C LEU A 71 1.14 20.55 -12.31
N LEU A 72 1.11 21.86 -12.53
CA LEU A 72 2.34 22.60 -12.77
C LEU A 72 3.26 22.55 -11.56
N VAL A 73 2.69 22.73 -10.36
CA VAL A 73 3.52 22.70 -9.16
C VAL A 73 4.15 21.32 -8.97
N MET A 74 3.35 20.27 -9.14
CA MET A 74 3.90 18.93 -8.98
C MET A 74 4.97 18.64 -10.02
N ALA A 75 4.79 19.13 -11.24
CA ALA A 75 5.80 18.90 -12.27
C ALA A 75 7.11 19.57 -11.89
N ILE A 76 7.05 20.82 -11.43
CA ILE A 76 8.30 21.51 -11.07
C ILE A 76 8.98 20.81 -9.90
N PHE A 77 8.20 20.29 -8.95
CA PHE A 77 8.81 19.54 -7.86
C PHE A 77 9.45 18.26 -8.37
N TRP A 78 8.80 17.60 -9.32
CA TRP A 78 9.33 16.34 -9.85
C TRP A 78 10.66 16.54 -10.56
N VAL A 79 10.76 17.60 -11.38
CA VAL A 79 11.96 17.78 -12.20
C VAL A 79 13.17 18.08 -11.32
N THR A 80 13.04 19.04 -10.39
CA THR A 80 14.18 19.45 -9.61
C THR A 80 14.44 18.57 -8.40
N GLU A 81 13.52 17.68 -8.06
CA GLU A 81 13.68 16.76 -6.95
C GLU A 81 13.93 17.51 -5.63
N ALA A 82 13.16 18.57 -5.42
CA ALA A 82 13.24 19.32 -4.18
C ALA A 82 12.78 18.50 -2.99
N LEU A 83 11.76 17.68 -3.19
CA LEU A 83 11.28 16.72 -2.21
C LEU A 83 11.50 15.32 -2.74
N PRO A 84 11.51 14.30 -1.87
CA PRO A 84 11.52 12.93 -2.38
C PRO A 84 10.30 12.69 -3.25
N LEU A 85 10.48 11.88 -4.30
CA LEU A 85 9.40 11.65 -5.25
C LEU A 85 8.19 11.05 -4.56
N TYR A 86 8.43 10.12 -3.63
CA TYR A 86 7.33 9.47 -2.94
C TYR A 86 6.50 10.47 -2.15
N VAL A 87 7.14 11.43 -1.50
CA VAL A 87 6.40 12.46 -0.77
C VAL A 87 5.60 13.32 -1.72
N THR A 88 6.22 13.75 -2.82
CA THR A 88 5.51 14.60 -3.78
C THR A 88 4.27 13.91 -4.32
N SER A 89 4.33 12.59 -4.50
CA SER A 89 3.16 11.89 -5.03
C SER A 89 1.99 11.88 -4.05
N MET A 90 2.20 12.24 -2.80
CA MET A 90 1.11 12.22 -1.82
C MET A 90 0.23 13.46 -1.90
N ILE A 91 0.68 14.53 -2.56
CA ILE A 91 -0.05 15.80 -2.51
C ILE A 91 -1.49 15.68 -2.99
N PRO A 92 -1.82 14.92 -4.05
CA PRO A 92 -3.21 14.90 -4.50
C PRO A 92 -4.21 14.55 -3.42
N ILE A 93 -3.86 13.68 -2.47
CA ILE A 93 -4.80 13.31 -1.41
C ILE A 93 -5.25 14.53 -0.63
N VAL A 94 -4.33 15.45 -0.36
CA VAL A 94 -4.70 16.69 0.31
C VAL A 94 -5.36 17.66 -0.67
N ALA A 95 -4.82 17.78 -1.87
CA ALA A 95 -5.21 18.87 -2.76
C ALA A 95 -6.61 18.69 -3.32
N PHE A 96 -6.93 17.49 -3.82
CA PHE A 96 -8.17 17.32 -4.55
C PHE A 96 -9.42 17.58 -3.72
N PRO A 97 -9.58 17.01 -2.51
CA PRO A 97 -10.81 17.29 -1.76
C PRO A 97 -11.01 18.76 -1.43
N ILE A 98 -9.93 19.49 -1.14
CA ILE A 98 -10.09 20.90 -0.81
C ILE A 98 -10.59 21.68 -2.02
N MET A 99 -10.03 21.42 -3.19
CA MET A 99 -10.40 22.13 -4.40
C MET A 99 -11.79 21.74 -4.90
N GLY A 100 -12.40 20.72 -4.32
CA GLY A 100 -13.73 20.32 -4.73
C GLY A 100 -13.78 19.42 -5.94
N ILE A 101 -12.64 18.97 -6.45
CA ILE A 101 -12.62 18.15 -7.65
C ILE A 101 -13.19 16.77 -7.38
N MET A 102 -12.73 16.12 -6.31
CA MET A 102 -13.20 14.78 -5.98
C MET A 102 -13.34 14.64 -4.47
N SER A 103 -14.17 13.69 -4.05
CA SER A 103 -14.33 13.41 -2.64
C SER A 103 -13.08 12.76 -2.09
N SER A 104 -12.96 12.78 -0.76
CA SER A 104 -11.74 12.26 -0.13
C SER A 104 -11.67 10.75 -0.23
N ASP A 105 -12.81 10.06 -0.12
CA ASP A 105 -12.79 8.61 -0.19
C ASP A 105 -12.41 8.11 -1.57
N GLN A 106 -12.92 8.76 -2.61
CA GLN A 106 -12.66 8.31 -3.97
C GLN A 106 -11.18 8.48 -4.34
N THR A 107 -10.58 9.59 -3.93
CA THR A 107 -9.18 9.84 -4.26
C THR A 107 -8.27 8.79 -3.68
N CYS A 108 -8.49 8.40 -2.42
CA CYS A 108 -7.65 7.38 -1.81
C CYS A 108 -7.83 6.05 -2.49
N ARG A 109 -9.07 5.70 -2.87
CA ARG A 109 -9.31 4.43 -3.53
C ARG A 109 -8.75 4.40 -4.94
N LEU A 110 -8.53 5.56 -5.56
CA LEU A 110 -7.89 5.54 -6.87
C LEU A 110 -6.46 5.04 -6.81
N TYR A 111 -5.75 5.34 -5.73
CA TYR A 111 -4.49 4.65 -5.50
C TYR A 111 -4.72 3.15 -5.36
N PHE A 112 -3.62 2.42 -5.46
CA PHE A 112 -3.60 0.99 -5.19
C PHE A 112 -4.67 0.30 -6.03
N LYS A 113 -4.68 0.63 -7.32
CA LYS A 113 -5.59 0.03 -8.29
C LYS A 113 -5.18 -1.40 -8.57
N ASP A 114 -5.85 -2.02 -9.54
CA ASP A 114 -5.50 -3.38 -9.94
C ASP A 114 -4.08 -3.44 -10.49
N THR A 115 -3.76 -2.58 -11.44
CA THR A 115 -2.47 -2.64 -12.12
C THR A 115 -1.33 -2.47 -11.12
N LEU A 116 -1.53 -1.66 -10.08
CA LEU A 116 -0.51 -1.50 -9.07
C LEU A 116 -0.29 -2.80 -8.32
N VAL A 117 -1.36 -3.52 -8.01
CA VAL A 117 -1.21 -4.83 -7.37
C VAL A 117 -0.42 -5.76 -8.26
N MET A 118 -0.66 -5.71 -9.57
CA MET A 118 0.11 -6.54 -10.48
C MET A 118 1.59 -6.20 -10.42
N PHE A 119 1.92 -4.91 -10.42
CA PHE A 119 3.33 -4.51 -10.35
C PHE A 119 3.98 -5.02 -9.06
N MET A 120 3.32 -4.80 -7.93
CA MET A 120 3.93 -5.18 -6.65
C MET A 120 4.10 -6.69 -6.56
N GLY A 121 3.11 -7.44 -7.05
CA GLY A 121 3.28 -8.89 -7.08
C GLY A 121 4.44 -9.32 -7.96
N GLY A 122 4.63 -8.64 -9.09
CA GLY A 122 5.78 -8.95 -9.92
C GLY A 122 7.09 -8.74 -9.20
N ILE A 123 7.18 -7.63 -8.45
CA ILE A 123 8.39 -7.39 -7.67
C ILE A 123 8.60 -8.49 -6.64
N MET A 124 7.53 -8.91 -5.99
CA MET A 124 7.67 -9.98 -4.99
C MET A 124 8.16 -11.28 -5.63
N VAL A 125 7.64 -11.62 -6.81
CA VAL A 125 8.09 -12.85 -7.46
C VAL A 125 9.55 -12.74 -7.87
N ALA A 126 9.98 -11.56 -8.32
CA ALA A 126 11.38 -11.37 -8.63
C ALA A 126 12.25 -11.58 -7.39
N LEU A 127 11.80 -11.08 -6.25
CA LEU A 127 12.53 -11.34 -5.01
C LEU A 127 12.62 -12.82 -4.72
N ALA A 128 11.51 -13.54 -4.93
CA ALA A 128 11.52 -14.98 -4.70
C ALA A 128 12.56 -15.67 -5.58
N VAL A 129 12.68 -15.22 -6.83
CA VAL A 129 13.72 -15.75 -7.71
C VAL A 129 15.10 -15.46 -7.14
N GLU A 130 15.29 -14.23 -6.64
CA GLU A 130 16.60 -13.86 -6.10
C GLU A 130 16.97 -14.68 -4.87
N TYR A 131 15.97 -15.11 -4.10
CA TYR A 131 16.24 -15.75 -2.82
C TYR A 131 16.99 -17.07 -2.98
N CYS A 132 16.63 -17.86 -3.99
CA CYS A 132 17.14 -19.21 -4.14
C CYS A 132 18.37 -19.30 -5.03
N ASN A 133 19.03 -18.18 -5.32
CA ASN A 133 20.25 -18.17 -6.12
C ASN A 133 20.06 -18.74 -7.51
N LEU A 134 18.88 -18.55 -8.09
CA LEU A 134 18.69 -18.94 -9.48
C LEU A 134 19.34 -17.94 -10.44
N HIS A 135 19.35 -16.67 -10.05
CA HIS A 135 19.86 -15.64 -10.95
C HIS A 135 21.33 -15.83 -11.24
N LYS A 136 22.09 -16.29 -10.24
CA LYS A 136 23.51 -16.57 -10.50
C LYS A 136 23.67 -17.67 -11.53
N ARG A 137 22.86 -18.72 -11.43
CA ARG A 137 22.95 -19.81 -12.40
C ARG A 137 22.65 -19.30 -13.81
N LEU A 138 21.57 -18.52 -13.95
CA LEU A 138 21.24 -18.00 -15.28
C LEU A 138 22.34 -17.09 -15.81
N ALA A 139 22.88 -16.23 -14.96
CA ALA A 139 23.92 -15.31 -15.40
C ALA A 139 25.16 -16.06 -15.86
N LEU A 140 25.57 -17.09 -15.11
CA LEU A 140 26.73 -17.86 -15.52
C LEU A 140 26.48 -18.58 -16.83
N ARG A 141 25.27 -19.10 -17.02
CA ARG A 141 24.95 -19.75 -18.29
C ARG A 141 25.06 -18.77 -19.45
N VAL A 142 24.54 -17.55 -19.25
CA VAL A 142 24.59 -16.55 -20.31
C VAL A 142 26.04 -16.17 -20.63
N ILE A 143 26.85 -15.98 -19.60
CA ILE A 143 28.25 -15.62 -19.84
C ILE A 143 28.96 -16.73 -20.59
N GLN A 144 28.65 -17.98 -20.26
CA GLN A 144 29.22 -19.09 -21.03
C GLN A 144 28.82 -19.00 -22.49
N ILE A 145 27.55 -18.71 -22.76
CA ILE A 145 27.07 -18.71 -24.15
C ILE A 145 27.71 -17.56 -24.92
N VAL A 146 27.73 -16.36 -24.36
CA VAL A 146 28.09 -15.18 -25.13
C VAL A 146 29.59 -15.05 -25.30
N GLY A 147 30.32 -15.00 -24.19
CA GLY A 147 31.76 -14.94 -24.30
C GLY A 147 32.49 -13.98 -23.37
N CYS A 148 31.77 -13.38 -22.43
CA CYS A 148 32.38 -12.59 -21.35
C CYS A 148 33.11 -11.36 -21.88
N SER A 149 32.40 -10.56 -22.67
CA SER A 149 32.87 -9.25 -23.07
C SER A 149 31.74 -8.26 -22.80
N PRO A 150 32.01 -7.16 -22.09
CA PRO A 150 30.90 -6.27 -21.68
C PRO A 150 30.08 -5.76 -22.84
N ARG A 151 30.72 -5.42 -23.96
CA ARG A 151 29.99 -4.88 -25.10
C ARG A 151 29.03 -5.91 -25.68
N ARG A 152 29.54 -7.12 -25.96
CA ARG A 152 28.70 -8.15 -26.54
C ARG A 152 27.59 -8.57 -25.59
N LEU A 153 27.90 -8.66 -24.29
CA LEU A 153 26.88 -9.00 -23.32
C LEU A 153 25.78 -7.95 -23.29
N HIS A 154 26.15 -6.68 -23.33
CA HIS A 154 25.15 -5.62 -23.34
C HIS A 154 24.26 -5.72 -24.56
N PHE A 155 24.86 -5.96 -25.72
CA PHE A 155 24.08 -6.11 -26.95
C PHE A 155 23.09 -7.26 -26.82
N GLY A 156 23.57 -8.41 -26.35
CA GLY A 156 22.71 -9.56 -26.24
C GLY A 156 21.55 -9.36 -25.28
N LEU A 157 21.83 -8.75 -24.13
CA LEU A 157 20.77 -8.51 -23.16
C LEU A 157 19.72 -7.55 -23.71
N ILE A 158 20.16 -6.51 -24.42
CA ILE A 158 19.19 -5.57 -25.00
C ILE A 158 18.29 -6.30 -26.00
N MET A 159 18.88 -7.10 -26.89
CA MET A 159 18.07 -7.78 -27.89
C MET A 159 17.10 -8.76 -27.24
N VAL A 160 17.55 -9.51 -26.23
CA VAL A 160 16.66 -10.46 -25.57
C VAL A 160 15.50 -9.73 -24.91
N THR A 161 15.79 -8.62 -24.22
CA THR A 161 14.73 -7.87 -23.55
C THR A 161 13.71 -7.36 -24.56
N MET A 162 14.17 -6.84 -25.69
CA MET A 162 13.25 -6.37 -26.72
C MET A 162 12.36 -7.50 -27.21
N PHE A 163 12.96 -8.65 -27.50
CA PHE A 163 12.16 -9.75 -28.04
C PHE A 163 11.10 -10.20 -27.06
N LEU A 164 11.45 -10.35 -25.78
CA LEU A 164 10.42 -10.72 -24.80
C LEU A 164 9.36 -9.63 -24.67
N SER A 165 9.77 -8.36 -24.62
CA SER A 165 8.78 -7.32 -24.43
C SER A 165 7.83 -7.18 -25.60
N MET A 166 8.14 -7.79 -26.75
CA MET A 166 7.14 -7.86 -27.81
C MET A 166 5.81 -8.43 -27.34
N TRP A 167 5.84 -9.43 -26.46
CA TRP A 167 4.65 -10.21 -26.17
C TRP A 167 4.09 -10.03 -24.76
N ILE A 168 4.79 -9.34 -23.86
CA ILE A 168 4.38 -9.23 -22.47
C ILE A 168 4.37 -7.75 -22.09
N SER A 169 3.66 -7.44 -21.01
CA SER A 169 3.66 -6.08 -20.49
C SER A 169 5.06 -5.66 -20.09
N ASN A 170 5.37 -4.38 -20.30
CA ASN A 170 6.75 -3.90 -20.16
C ASN A 170 7.25 -4.06 -18.72
N ALA A 171 6.41 -3.69 -17.75
CA ALA A 171 6.84 -3.75 -16.36
C ALA A 171 7.20 -5.16 -15.97
N ALA A 172 6.48 -6.15 -16.50
CA ALA A 172 6.81 -7.54 -16.22
C ALA A 172 8.22 -7.87 -16.69
N CYS A 173 8.59 -7.42 -17.89
CA CYS A 173 9.93 -7.70 -18.41
C CYS A 173 11.00 -7.03 -17.57
N THR A 174 10.77 -5.77 -17.17
CA THR A 174 11.78 -5.08 -16.37
C THR A 174 11.98 -5.75 -15.02
N ALA A 175 10.88 -6.07 -14.34
CA ALA A 175 11.00 -6.77 -13.06
C ALA A 175 11.61 -8.14 -13.24
N MET A 176 11.37 -8.77 -14.39
CA MET A 176 12.01 -10.05 -14.69
C MET A 176 13.51 -9.91 -14.77
N MET A 177 13.99 -8.89 -15.48
CA MET A 177 15.40 -8.80 -15.84
C MET A 177 16.28 -8.07 -14.85
N CYS A 178 15.73 -7.39 -13.85
CA CYS A 178 16.62 -6.68 -12.93
C CYS A 178 17.62 -7.58 -12.22
N PRO A 179 17.23 -8.67 -11.55
CA PRO A 179 18.23 -9.49 -10.84
C PRO A 179 19.28 -10.11 -11.75
N ILE A 180 18.93 -10.44 -13.00
CA ILE A 180 19.92 -11.01 -13.91
C ILE A 180 21.04 -10.01 -14.16
N ILE A 181 20.68 -8.75 -14.40
CA ILE A 181 21.68 -7.71 -14.58
C ILE A 181 22.53 -7.58 -13.32
N GLN A 182 21.89 -7.64 -12.16
CA GLN A 182 22.67 -7.54 -10.92
C GLN A 182 23.70 -8.66 -10.84
N ALA A 183 23.30 -9.88 -11.15
CA ALA A 183 24.23 -11.01 -11.07
C ALA A 183 25.36 -10.88 -12.07
N VAL A 184 25.06 -10.45 -13.29
CA VAL A 184 26.11 -10.30 -14.29
C VAL A 184 27.12 -9.25 -13.84
N LEU A 185 26.64 -8.13 -13.31
CA LEU A 185 27.55 -7.10 -12.83
C LEU A 185 28.41 -7.63 -11.69
N GLU A 186 27.83 -8.42 -10.80
CA GLU A 186 28.61 -8.98 -9.70
C GLU A 186 29.71 -9.90 -10.22
N GLU A 187 29.40 -10.72 -11.22
CA GLU A 187 30.42 -11.59 -11.78
C GLU A 187 31.55 -10.79 -12.40
N LEU A 188 31.21 -9.76 -13.16
CA LEU A 188 32.25 -8.94 -13.78
C LEU A 188 33.11 -8.25 -12.74
N GLN A 189 32.49 -7.77 -11.66
CA GLN A 189 33.27 -7.16 -10.59
C GLN A 189 34.19 -8.18 -9.94
N ALA A 190 33.70 -9.39 -9.70
CA ALA A 190 34.53 -10.42 -9.10
C ALA A 190 35.73 -10.74 -9.98
N GLN A 191 35.56 -10.65 -11.30
CA GLN A 191 36.73 -10.80 -12.18
C GLN A 191 37.67 -9.61 -12.11
N GLY A 192 37.29 -8.54 -11.41
CA GLY A 192 38.14 -7.37 -11.33
C GLY A 192 38.04 -6.41 -12.50
N VAL A 193 37.02 -6.57 -13.34
CA VAL A 193 36.89 -5.74 -14.53
C VAL A 193 36.51 -4.31 -14.15
N CYS A 194 35.55 -4.16 -13.25
CA CYS A 194 34.96 -2.85 -13.00
C CYS A 194 34.41 -2.81 -11.58
N LYS A 195 34.05 -1.60 -11.14
CA LYS A 195 33.45 -1.38 -9.83
C LYS A 195 32.03 -0.89 -10.01
N ILE A 196 31.10 -1.46 -9.25
CA ILE A 196 29.69 -1.10 -9.41
C ILE A 196 29.43 0.31 -8.91
N ASN A 197 29.93 0.64 -7.72
CA ASN A 197 29.55 1.88 -7.04
C ASN A 197 30.78 2.71 -6.73
N HIS A 198 30.59 4.03 -6.67
CA HIS A 198 31.67 4.92 -6.28
C HIS A 198 32.03 4.73 -4.81
N GLU A 199 33.27 5.04 -4.49
CA GLU A 199 33.74 4.93 -3.11
C GLU A 199 33.05 5.98 -2.24
N PRO A 200 32.48 5.58 -1.10
CA PRO A 200 31.78 6.46 -0.15
C PRO A 200 32.56 7.74 0.18
N ASP A 214 24.82 8.42 4.96
CA ASP A 214 23.39 8.32 5.15
C ASP A 214 22.64 8.17 3.83
N GLU A 215 23.14 8.82 2.79
CA GLU A 215 22.56 8.69 1.45
C GLU A 215 22.97 7.37 0.82
N PRO A 216 22.14 6.83 -0.07
CA PRO A 216 22.50 5.59 -0.77
C PRO A 216 23.64 5.82 -1.73
N PRO A 217 24.39 4.79 -2.07
CA PRO A 217 25.59 4.97 -2.89
C PRO A 217 25.25 5.38 -4.32
N TYR A 218 26.21 6.05 -4.95
CA TYR A 218 26.08 6.44 -6.35
C TYR A 218 26.56 5.31 -7.26
N PRO A 219 25.85 5.01 -8.33
CA PRO A 219 26.30 3.99 -9.26
C PRO A 219 27.27 4.54 -10.29
N THR A 220 28.16 3.67 -10.76
CA THR A 220 29.14 4.06 -11.75
C THR A 220 28.50 4.13 -13.13
N LYS A 221 29.34 4.30 -14.15
CA LYS A 221 28.82 4.49 -15.50
C LYS A 221 28.31 3.18 -16.08
N ILE A 222 29.01 2.08 -15.84
CA ILE A 222 28.63 0.80 -16.43
C ILE A 222 27.26 0.36 -15.92
N THR A 223 27.01 0.54 -14.62
CA THR A 223 25.72 0.18 -14.06
C THR A 223 24.60 1.01 -14.68
N LEU A 224 24.83 2.31 -14.83
CA LEU A 224 23.84 3.16 -15.46
C LEU A 224 23.56 2.67 -16.88
N CYS A 225 24.61 2.35 -17.63
CA CYS A 225 24.43 1.88 -18.99
C CYS A 225 23.54 0.64 -19.00
N TYR A 226 23.84 -0.33 -18.15
CA TYR A 226 23.08 -1.59 -18.19
C TYR A 226 21.62 -1.36 -17.82
N TYR A 227 21.37 -0.66 -16.72
CA TYR A 227 19.98 -0.53 -16.26
C TYR A 227 19.16 0.33 -17.19
N LEU A 228 19.71 1.46 -17.64
CA LEU A 228 18.99 2.27 -18.60
C LEU A 228 18.76 1.53 -19.90
N GLY A 229 19.72 0.68 -20.30
CA GLY A 229 19.49 -0.14 -21.47
C GLY A 229 18.31 -1.06 -21.32
N ILE A 230 18.19 -1.70 -20.14
CA ILE A 230 17.06 -2.59 -19.91
C ILE A 230 15.74 -1.83 -20.01
N ALA A 231 15.65 -0.69 -19.31
CA ALA A 231 14.39 0.05 -19.30
C ALA A 231 14.03 0.53 -20.70
N TYR A 232 14.98 1.15 -21.39
CA TYR A 232 14.71 1.66 -22.73
C TYR A 232 14.36 0.54 -23.69
N ALA A 233 15.03 -0.61 -23.56
CA ALA A 233 14.72 -1.72 -24.44
C ALA A 233 13.30 -2.20 -24.25
N SER A 234 12.84 -2.29 -23.00
CA SER A 234 11.45 -2.68 -22.77
C SER A 234 10.50 -1.69 -23.42
N SER A 235 10.74 -0.39 -23.19
CA SER A 235 9.83 0.62 -23.76
C SER A 235 9.81 0.55 -25.27
N LEU A 236 10.97 0.39 -25.90
CA LEU A 236 11.02 0.37 -27.36
C LEU A 236 10.38 -0.88 -27.92
N GLY A 237 10.70 -2.04 -27.35
CA GLY A 237 10.15 -3.28 -27.87
C GLY A 237 8.67 -3.41 -27.65
N GLY A 238 8.09 -2.65 -26.74
CA GLY A 238 6.65 -2.69 -26.57
C GLY A 238 5.88 -2.31 -27.82
N CYS A 239 6.44 -1.40 -28.63
CA CYS A 239 5.71 -0.86 -29.77
C CYS A 239 5.57 -1.83 -30.93
N GLY A 240 6.21 -3.00 -30.87
CA GLY A 240 6.25 -3.87 -32.03
C GLY A 240 4.91 -4.48 -32.39
N THR A 241 4.13 -4.87 -31.40
CA THR A 241 2.96 -5.71 -31.61
C THR A 241 1.77 -5.16 -30.85
N ILE A 242 0.57 -5.49 -31.31
CA ILE A 242 -0.65 -5.03 -30.66
C ILE A 242 -0.71 -5.53 -29.22
N ILE A 243 -0.31 -6.78 -29.00
CA ILE A 243 -0.34 -7.33 -27.65
C ILE A 243 0.71 -6.68 -26.77
N GLY A 244 1.70 -6.01 -27.36
CA GLY A 244 2.85 -5.57 -26.60
C GLY A 244 2.51 -4.65 -25.45
N THR A 245 1.56 -3.75 -25.65
CA THR A 245 1.23 -2.78 -24.61
C THR A 245 -0.22 -2.34 -24.77
N ALA A 246 -0.75 -1.75 -23.71
CA ALA A 246 -2.17 -1.38 -23.70
C ALA A 246 -2.45 -0.17 -24.59
N THR A 247 -1.44 0.65 -24.85
CA THR A 247 -1.66 1.84 -25.68
C THR A 247 -2.09 1.43 -27.09
N ASN A 248 -1.47 0.39 -27.63
CA ASN A 248 -1.83 -0.07 -28.96
C ASN A 248 -3.29 -0.52 -29.00
N LEU A 249 -3.71 -1.31 -28.02
CA LEU A 249 -5.10 -1.73 -27.95
C LEU A 249 -6.02 -0.53 -27.85
N THR A 250 -5.65 0.46 -27.03
CA THR A 250 -6.52 1.61 -26.84
C THR A 250 -6.75 2.36 -28.15
N PHE A 251 -5.67 2.72 -28.85
CA PHE A 251 -5.92 3.54 -30.03
C PHE A 251 -6.46 2.70 -31.18
N LYS A 252 -6.16 1.41 -31.24
CA LYS A 252 -6.81 0.56 -32.23
C LYS A 252 -8.31 0.52 -32.00
N GLY A 253 -8.72 0.35 -30.75
CA GLY A 253 -10.14 0.32 -30.44
C GLY A 253 -10.82 1.64 -30.77
N ILE A 254 -10.16 2.75 -30.45
CA ILE A 254 -10.76 4.05 -30.77
C ILE A 254 -10.95 4.19 -32.28
N TYR A 255 -9.93 3.83 -33.06
CA TYR A 255 -10.03 3.95 -34.50
C TYR A 255 -11.14 3.05 -35.05
N GLU A 256 -11.22 1.81 -34.57
CA GLU A 256 -12.22 0.89 -35.10
C GLU A 256 -13.62 1.35 -34.74
N ALA A 257 -13.83 1.81 -33.51
CA ALA A 257 -15.16 2.26 -33.11
C ALA A 257 -15.57 3.51 -33.88
N ARG A 258 -14.66 4.46 -34.06
CA ARG A 258 -15.03 5.70 -34.72
C ARG A 258 -15.31 5.48 -36.20
N PHE A 259 -14.48 4.69 -36.88
CA PHE A 259 -14.56 4.52 -38.33
C PHE A 259 -14.82 3.06 -38.66
N LYS A 260 -16.09 2.66 -38.66
CA LYS A 260 -16.44 1.45 -39.37
C LYS A 260 -16.52 1.75 -40.86
N ASN A 261 -16.79 0.71 -41.65
CA ASN A 261 -16.91 0.82 -43.10
C ASN A 261 -15.58 1.26 -43.71
N SER A 262 -14.48 1.07 -43.01
CA SER A 262 -13.17 1.43 -43.52
C SER A 262 -12.54 0.25 -44.27
N THR A 263 -11.95 0.53 -45.42
CA THR A 263 -11.31 -0.53 -46.19
C THR A 263 -10.08 -1.08 -45.49
N GLU A 264 -9.19 -0.19 -45.05
CA GLU A 264 -7.96 -0.63 -44.42
C GLU A 264 -8.24 -1.18 -43.02
N GLN A 265 -7.51 -2.22 -42.65
CA GLN A 265 -7.71 -2.93 -41.41
C GLN A 265 -6.41 -2.97 -40.62
N MET A 266 -6.50 -2.70 -39.33
CA MET A 266 -5.36 -2.82 -38.42
C MET A 266 -5.40 -4.17 -37.70
N ASP A 267 -5.42 -5.25 -38.47
CA ASP A 267 -5.45 -6.58 -37.89
C ASP A 267 -4.05 -6.95 -37.42
N PHE A 268 -3.93 -8.13 -36.82
CA PHE A 268 -2.68 -8.53 -36.19
C PHE A 268 -1.50 -8.60 -37.14
N PRO A 269 -1.59 -9.24 -38.31
CA PRO A 269 -0.37 -9.34 -39.14
C PRO A 269 0.02 -8.03 -39.81
N THR A 270 -0.95 -7.24 -40.26
CA THR A 270 -0.61 -6.00 -40.97
C THR A 270 0.10 -5.02 -40.05
N PHE A 271 -0.35 -4.91 -38.79
CA PHE A 271 0.30 -4.00 -37.86
C PHE A 271 1.75 -4.39 -37.63
N MET A 272 2.01 -5.68 -37.45
CA MET A 272 3.37 -6.16 -37.28
C MET A 272 4.21 -5.84 -38.51
N PHE A 273 3.65 -6.10 -39.70
CA PHE A 273 4.33 -5.81 -40.95
C PHE A 273 4.68 -4.34 -41.05
N TYR A 274 3.81 -3.48 -40.53
CA TYR A 274 4.07 -2.04 -40.57
C TYR A 274 5.14 -1.64 -39.57
N SER A 275 5.14 -2.24 -38.39
CA SER A 275 5.87 -1.66 -37.27
C SER A 275 7.25 -2.27 -37.03
N VAL A 276 7.48 -3.53 -37.40
CA VAL A 276 8.73 -4.18 -36.99
C VAL A 276 9.99 -3.51 -37.54
N PRO A 277 10.10 -3.20 -38.83
CA PRO A 277 11.40 -2.70 -39.34
C PRO A 277 11.88 -1.44 -38.65
N SER A 278 10.99 -0.47 -38.47
CA SER A 278 11.38 0.75 -37.76
C SER A 278 11.84 0.42 -36.35
N MET A 279 11.14 -0.49 -35.68
CA MET A 279 11.50 -0.85 -34.32
C MET A 279 12.92 -1.40 -34.27
N LEU A 280 13.27 -2.27 -35.20
CA LEU A 280 14.64 -2.78 -35.23
C LEU A 280 15.63 -1.65 -35.44
N VAL A 281 15.33 -0.73 -36.36
CA VAL A 281 16.29 0.31 -36.68
C VAL A 281 16.58 1.18 -35.47
N TYR A 282 15.53 1.69 -34.82
CA TYR A 282 15.84 2.58 -33.70
C TYR A 282 16.25 1.84 -32.43
N THR A 283 15.94 0.54 -32.28
CA THR A 283 16.57 -0.20 -31.19
C THR A 283 18.08 -0.27 -31.38
N LEU A 284 18.51 -0.60 -32.60
CA LEU A 284 19.94 -0.67 -32.87
C LEU A 284 20.61 0.69 -32.65
N LEU A 285 19.99 1.76 -33.13
CA LEU A 285 20.60 3.07 -32.97
C LEU A 285 20.65 3.48 -31.50
N THR A 286 19.63 3.13 -30.72
CA THR A 286 19.68 3.42 -29.29
C THR A 286 20.83 2.68 -28.62
N PHE A 287 21.05 1.42 -28.99
CA PHE A 287 22.18 0.69 -28.42
C PHE A 287 23.49 1.37 -28.74
N VAL A 288 23.66 1.79 -30.00
CA VAL A 288 24.91 2.45 -30.38
C VAL A 288 25.11 3.74 -29.59
N PHE A 289 24.04 4.53 -29.45
CA PHE A 289 24.17 5.77 -28.69
C PHE A 289 24.54 5.50 -27.24
N LEU A 290 23.90 4.52 -26.62
CA LEU A 290 24.22 4.22 -25.23
C LEU A 290 25.67 3.79 -25.08
N GLN A 291 26.17 2.98 -26.00
CA GLN A 291 27.58 2.61 -25.94
C GLN A 291 28.48 3.83 -26.09
N TRP A 292 28.12 4.75 -26.98
CA TRP A 292 28.96 5.93 -27.19
C TRP A 292 28.97 6.82 -25.96
N HIS A 293 27.84 6.96 -25.28
CA HIS A 293 27.75 7.94 -24.21
C HIS A 293 28.43 7.48 -22.92
N PHE A 294 28.29 6.20 -22.56
CA PHE A 294 28.79 5.73 -21.27
C PHE A 294 30.12 4.99 -21.37
N MET A 295 30.51 4.53 -22.56
CA MET A 295 31.84 3.99 -22.78
C MET A 295 32.47 4.68 -23.97
N GLY A 296 33.80 4.65 -24.02
CA GLY A 296 34.49 5.34 -25.09
C GLY A 296 34.47 4.56 -26.39
N LEU A 297 33.30 4.49 -27.03
CA LEU A 297 33.20 3.74 -28.28
C LEU A 297 34.11 4.33 -29.35
N TRP A 298 34.14 5.65 -29.47
CA TRP A 298 34.97 6.30 -30.47
C TRP A 298 35.81 7.43 -29.88
N ARG A 299 36.08 7.39 -28.58
CA ARG A 299 36.93 8.38 -27.94
C ARG A 299 38.00 7.69 -27.10
N PRO A 300 39.26 8.09 -27.22
CA PRO A 300 40.27 7.60 -26.28
C PRO A 300 40.13 8.23 -24.90
N LYS A 301 39.62 7.47 -23.93
CA LYS A 301 39.33 7.99 -22.61
C LYS A 301 39.66 6.93 -21.57
N SER A 302 39.35 7.24 -20.31
CA SER A 302 39.52 6.27 -19.24
C SER A 302 38.64 5.05 -19.44
N LYS A 303 37.38 5.27 -19.86
CA LYS A 303 36.47 4.16 -20.10
C LYS A 303 36.95 3.29 -21.26
N GLU A 304 37.52 3.91 -22.29
CA GLU A 304 38.02 3.14 -23.43
C GLU A 304 39.11 2.18 -23.01
N ALA A 305 40.04 2.64 -22.17
CA ALA A 305 41.09 1.76 -21.66
C ALA A 305 40.50 0.63 -20.82
N GLN A 306 39.53 0.95 -19.96
CA GLN A 306 38.95 -0.04 -19.07
C GLN A 306 38.31 -1.19 -19.85
N GLU A 307 37.61 -0.86 -20.93
CA GLU A 307 37.02 -1.92 -21.75
C GLU A 307 38.07 -2.63 -22.59
N VAL A 308 39.01 -1.88 -23.19
CA VAL A 308 39.91 -2.49 -24.15
C VAL A 308 40.89 -3.44 -23.46
N GLN A 309 41.25 -3.16 -22.20
CA GLN A 309 42.14 -4.08 -21.49
C GLN A 309 41.45 -5.39 -21.16
N ARG A 310 40.11 -5.42 -21.16
CA ARG A 310 39.39 -6.61 -20.74
C ARG A 310 39.70 -7.81 -21.62
N GLY A 311 39.82 -7.60 -22.93
CA GLY A 311 40.06 -8.72 -23.83
C GLY A 311 41.38 -9.41 -23.60
N ARG A 312 42.42 -8.66 -23.21
CA ARG A 312 43.75 -9.24 -23.07
C ARG A 312 43.81 -10.26 -21.95
N GLU A 313 43.32 -9.90 -20.76
CA GLU A 313 43.40 -10.84 -19.64
C GLU A 313 42.36 -11.95 -19.74
N GLY A 314 41.21 -11.65 -20.33
CA GLY A 314 40.13 -12.64 -20.39
C GLY A 314 39.99 -13.34 -21.72
N ALA A 315 41.11 -13.54 -22.42
CA ALA A 315 41.05 -14.30 -23.66
C ALA A 315 40.60 -15.74 -23.41
N ASP A 316 41.27 -16.42 -22.49
CA ASP A 316 40.93 -17.79 -22.14
C ASP A 316 40.90 -18.02 -20.63
N VAL A 317 41.63 -17.21 -19.85
CA VAL A 317 41.59 -17.34 -18.40
C VAL A 317 40.19 -17.09 -17.89
N ALA A 318 39.50 -16.11 -18.46
CA ALA A 318 38.12 -15.84 -18.07
C ALA A 318 37.24 -17.05 -18.33
N LYS A 319 37.41 -17.69 -19.49
CA LYS A 319 36.60 -18.87 -19.80
C LYS A 319 36.85 -19.99 -18.80
N LYS A 320 38.13 -20.24 -18.49
CA LYS A 320 38.44 -21.30 -17.54
C LYS A 320 37.85 -21.00 -16.16
N VAL A 321 38.00 -19.76 -15.70
CA VAL A 321 37.48 -19.39 -14.39
C VAL A 321 35.96 -19.50 -14.36
N ILE A 322 35.30 -19.07 -15.44
CA ILE A 322 33.84 -19.12 -15.47
C ILE A 322 33.35 -20.57 -15.45
N ASP A 323 33.99 -21.44 -16.24
CA ASP A 323 33.58 -22.84 -16.22
C ASP A 323 33.81 -23.47 -14.86
N GLN A 324 34.94 -23.16 -14.22
CA GLN A 324 35.19 -23.68 -12.88
C GLN A 324 34.14 -23.19 -11.90
N ARG A 325 33.79 -21.91 -11.98
CA ARG A 325 32.80 -21.35 -11.07
C ARG A 325 31.43 -22.01 -11.28
N TYR A 326 31.05 -22.22 -12.53
CA TYR A 326 29.78 -22.90 -12.80
C TYR A 326 29.80 -24.32 -12.26
N LYS A 327 30.89 -25.05 -12.47
CA LYS A 327 30.97 -26.41 -11.95
C LYS A 327 30.95 -26.42 -10.43
N ASP A 328 31.39 -25.33 -9.81
CA ASP A 328 31.34 -25.23 -8.36
C ASP A 328 29.91 -25.32 -7.86
N LEU A 329 28.98 -24.63 -8.53
CA LEU A 329 27.57 -24.78 -8.21
C LEU A 329 27.13 -26.22 -8.47
N GLY A 330 26.38 -26.78 -7.53
CA GLY A 330 25.87 -28.11 -7.70
C GLY A 330 24.71 -28.15 -8.66
N PRO A 331 24.18 -29.35 -8.88
CA PRO A 331 22.98 -29.48 -9.71
C PRO A 331 21.80 -28.80 -9.06
N MET A 332 20.80 -28.48 -9.87
CA MET A 332 19.62 -27.79 -9.38
C MET A 332 18.93 -28.59 -8.28
N SER A 333 18.54 -27.90 -7.21
CA SER A 333 17.77 -28.49 -6.15
C SER A 333 16.28 -28.33 -6.41
N ILE A 334 15.47 -28.97 -5.57
CA ILE A 334 14.03 -28.87 -5.73
C ILE A 334 13.56 -27.43 -5.52
N HIS A 335 14.28 -26.68 -4.69
CA HIS A 335 13.96 -25.27 -4.48
C HIS A 335 13.88 -24.52 -5.80
N GLU A 336 14.98 -24.52 -6.55
CA GLU A 336 15.04 -23.76 -7.78
C GLU A 336 14.06 -24.31 -8.82
N ILE A 337 13.91 -25.63 -8.88
CA ILE A 337 13.00 -26.22 -9.85
C ILE A 337 11.58 -25.75 -9.59
N GLN A 338 11.15 -25.76 -8.33
CA GLN A 338 9.80 -25.30 -8.02
C GLN A 338 9.62 -23.83 -8.37
N VAL A 339 10.62 -23.00 -8.04
CA VAL A 339 10.48 -21.59 -8.37
C VAL A 339 10.38 -21.39 -9.87
N MET A 340 11.18 -22.13 -10.64
CA MET A 340 11.16 -21.99 -12.09
C MET A 340 9.81 -22.42 -12.66
N ILE A 341 9.26 -23.52 -12.16
CA ILE A 341 7.95 -23.97 -12.62
C ILE A 341 6.91 -22.90 -12.37
N LEU A 342 6.91 -22.33 -11.17
CA LEU A 342 5.92 -21.30 -10.86
C LEU A 342 6.09 -20.10 -11.78
N PHE A 343 7.32 -19.68 -12.03
CA PHE A 343 7.54 -18.52 -12.89
C PHE A 343 7.05 -18.76 -14.31
N ILE A 344 7.35 -19.94 -14.87
CA ILE A 344 6.90 -20.24 -16.22
C ILE A 344 5.37 -20.26 -16.28
N PHE A 345 4.74 -20.85 -15.26
CA PHE A 345 3.28 -20.86 -15.23
C PHE A 345 2.73 -19.44 -15.21
N MET A 346 3.34 -18.56 -14.43
CA MET A 346 2.86 -17.18 -14.35
C MET A 346 2.96 -16.49 -15.71
N VAL A 347 4.10 -16.66 -16.39
CA VAL A 347 4.25 -16.01 -17.69
C VAL A 347 3.24 -16.55 -18.70
N VAL A 348 3.05 -17.87 -18.71
CA VAL A 348 2.10 -18.46 -19.66
C VAL A 348 0.70 -17.93 -19.40
N MET A 349 0.30 -17.84 -18.12
CA MET A 349 -1.01 -17.25 -17.82
C MET A 349 -1.08 -15.80 -18.27
N TYR A 350 0.03 -15.06 -18.17
CA TYR A 350 0.03 -13.69 -18.69
C TYR A 350 -0.30 -13.68 -20.18
N PHE A 351 0.34 -14.57 -20.94
CA PHE A 351 0.23 -14.48 -22.39
C PHE A 351 -1.15 -14.91 -22.89
N THR A 352 -1.74 -15.95 -22.29
CA THR A 352 -2.91 -16.59 -22.86
C THR A 352 -4.22 -15.99 -22.38
N ARG A 353 -4.20 -14.81 -21.76
CA ARG A 353 -5.43 -14.14 -21.34
C ARG A 353 -5.91 -13.25 -22.46
N LYS A 354 -6.94 -13.69 -23.16
CA LYS A 354 -7.58 -12.93 -24.23
C LYS A 354 -6.59 -12.37 -25.24
N PRO A 355 -5.94 -13.21 -26.04
CA PRO A 355 -5.26 -12.71 -27.24
C PRO A 355 -6.23 -12.63 -28.40
N GLY A 356 -5.93 -11.73 -29.33
CA GLY A 356 -6.78 -11.60 -30.49
C GLY A 356 -6.77 -12.83 -31.38
N ILE A 357 -5.61 -13.48 -31.49
CA ILE A 357 -5.43 -14.51 -32.51
C ILE A 357 -6.22 -15.78 -32.17
N PHE A 358 -6.27 -16.18 -30.90
CA PHE A 358 -7.07 -17.35 -30.52
C PHE A 358 -7.79 -17.09 -29.21
N LEU A 359 -8.69 -17.99 -28.86
CA LEU A 359 -9.54 -17.83 -27.69
C LEU A 359 -8.71 -17.93 -26.42
N GLY A 360 -9.07 -17.11 -25.41
CA GLY A 360 -8.35 -17.04 -24.17
C GLY A 360 -9.21 -17.48 -22.99
N TRP A 361 -8.53 -17.72 -21.86
CA TRP A 361 -9.23 -18.18 -20.67
C TRP A 361 -10.08 -17.10 -20.02
N ALA A 362 -9.82 -15.83 -20.34
CA ALA A 362 -10.66 -14.78 -19.79
C ALA A 362 -12.06 -14.80 -20.39
N ASP A 363 -12.20 -15.34 -21.61
CA ASP A 363 -13.52 -15.45 -22.21
C ASP A 363 -14.38 -16.48 -21.48
N LEU A 364 -13.78 -17.60 -21.08
CA LEU A 364 -14.40 -18.43 -20.07
C LEU A 364 -14.34 -17.72 -18.73
N LEU A 365 -15.19 -18.14 -17.79
CA LEU A 365 -15.31 -17.47 -16.50
C LEU A 365 -15.64 -15.99 -16.72
N ASN A 366 -16.57 -15.74 -17.64
CA ASN A 366 -16.90 -14.38 -18.05
C ASN A 366 -17.87 -13.70 -17.11
N SER A 367 -18.28 -14.35 -16.03
CA SER A 367 -19.21 -13.72 -15.10
C SER A 367 -18.63 -12.43 -14.52
N LYS A 368 -17.33 -12.42 -14.25
CA LYS A 368 -16.64 -11.24 -13.76
C LYS A 368 -15.31 -11.10 -14.50
N ASP A 369 -14.74 -9.90 -14.45
CA ASP A 369 -13.46 -9.63 -15.10
C ASP A 369 -12.33 -10.07 -14.18
N ILE A 370 -11.61 -11.11 -14.60
CA ILE A 370 -10.47 -11.59 -13.80
C ILE A 370 -9.32 -10.60 -13.86
N ARG A 371 -9.06 -10.03 -15.03
CA ARG A 371 -8.28 -8.82 -15.21
C ARG A 371 -6.84 -8.96 -14.71
N ASN A 372 -6.30 -10.18 -14.69
CA ASN A 372 -4.87 -10.48 -14.75
C ASN A 372 -4.14 -10.30 -13.41
N SER A 373 -4.79 -9.81 -12.37
CA SER A 373 -4.09 -9.76 -11.08
C SER A 373 -4.06 -11.14 -10.43
N MET A 374 -4.99 -12.00 -10.78
CA MET A 374 -5.15 -13.31 -10.18
C MET A 374 -3.87 -14.16 -10.22
N PRO A 375 -3.24 -14.36 -11.38
CA PRO A 375 -2.07 -15.25 -11.40
C PRO A 375 -0.95 -14.79 -10.50
N THR A 376 -0.71 -13.48 -10.42
CA THR A 376 0.42 -12.99 -9.68
C THR A 376 0.27 -13.25 -8.18
N ILE A 377 -0.86 -12.85 -7.60
CA ILE A 377 -1.08 -13.10 -6.19
C ILE A 377 -1.19 -14.59 -5.92
N PHE A 378 -1.74 -15.35 -6.86
CA PHE A 378 -1.79 -16.79 -6.70
C PHE A 378 -0.38 -17.36 -6.55
N VAL A 379 0.55 -16.90 -7.38
CA VAL A 379 1.92 -17.38 -7.30
C VAL A 379 2.56 -16.94 -5.98
N VAL A 380 2.30 -15.71 -5.56
CA VAL A 380 2.91 -15.22 -4.32
C VAL A 380 2.45 -16.05 -3.13
N VAL A 381 1.15 -16.34 -3.05
CA VAL A 381 0.66 -17.17 -1.95
C VAL A 381 1.22 -18.58 -2.04
N MET A 382 1.23 -19.15 -3.25
CA MET A 382 1.71 -20.51 -3.41
C MET A 382 3.17 -20.62 -3.02
N CYS A 383 3.93 -19.53 -3.14
CA CYS A 383 5.31 -19.55 -2.69
C CYS A 383 5.40 -19.80 -1.19
N PHE A 384 4.50 -19.20 -0.41
CA PHE A 384 4.51 -19.43 1.02
C PHE A 384 3.97 -20.79 1.39
N MET A 385 3.01 -21.31 0.61
CA MET A 385 2.38 -22.56 1.01
C MET A 385 3.32 -23.76 0.85
N LEU A 386 4.11 -23.79 -0.22
CA LEU A 386 4.89 -24.98 -0.56
C LEU A 386 6.12 -25.12 0.32
N PRO A 387 6.63 -26.36 0.48
CA PRO A 387 7.86 -26.56 1.25
C PRO A 387 9.11 -26.45 0.38
N ALA A 388 10.28 -26.75 0.94
CA ALA A 388 11.53 -26.61 0.21
C ALA A 388 12.31 -27.91 0.10
N ASN A 389 12.35 -28.73 1.15
CA ASN A 389 13.23 -29.90 1.15
C ASN A 389 12.54 -31.13 0.58
N TYR A 390 11.30 -31.38 1.00
CA TYR A 390 10.60 -32.63 0.70
C TYR A 390 11.32 -33.84 1.28
N ALA A 391 12.09 -33.63 2.34
CA ALA A 391 12.78 -34.72 3.01
C ALA A 391 11.97 -35.35 4.13
N PHE A 392 10.85 -34.74 4.51
CA PHE A 392 10.05 -35.30 5.59
C PHE A 392 9.33 -36.58 5.19
N LEU A 393 9.27 -36.88 3.90
CA LEU A 393 8.64 -38.12 3.47
C LEU A 393 9.43 -39.35 3.89
N ARG A 394 10.65 -39.16 4.39
CA ARG A 394 11.42 -40.28 4.93
C ARG A 394 10.71 -40.97 6.07
N TYR A 395 9.77 -40.29 6.73
CA TYR A 395 8.96 -40.96 7.75
C TYR A 395 8.15 -42.09 7.15
N CYS A 396 7.40 -41.80 6.08
CA CYS A 396 6.54 -42.82 5.47
C CYS A 396 7.36 -43.81 4.64
N THR A 397 8.26 -43.30 3.81
CA THR A 397 9.00 -44.19 2.91
C THR A 397 10.09 -44.95 3.63
N ARG A 398 10.75 -44.32 4.61
CA ARG A 398 11.85 -44.92 5.37
C ARG A 398 12.99 -45.37 4.47
N ARG A 399 13.18 -44.67 3.35
CA ARG A 399 14.26 -45.02 2.44
C ARG A 399 15.63 -44.86 3.10
N GLY A 400 15.81 -43.78 3.85
CA GLY A 400 17.06 -43.55 4.54
C GLY A 400 17.32 -42.06 4.67
N GLY A 401 18.30 -41.74 5.51
CA GLY A 401 18.65 -40.37 5.78
C GLY A 401 18.00 -39.85 7.05
N PRO A 402 18.67 -38.92 7.71
CA PRO A 402 18.14 -38.37 8.97
C PRO A 402 16.86 -37.59 8.75
N VAL A 403 15.98 -37.65 9.75
CA VAL A 403 14.75 -36.88 9.77
C VAL A 403 15.08 -35.43 10.05
N PRO A 404 14.26 -34.47 9.60
CA PRO A 404 14.68 -33.05 9.72
C PRO A 404 14.74 -32.55 11.16
N THR A 405 13.95 -33.11 12.07
CA THR A 405 13.93 -32.67 13.47
C THR A 405 13.61 -31.19 13.59
N GLY A 406 12.64 -30.73 12.81
CA GLY A 406 12.19 -29.36 12.87
C GLY A 406 11.30 -29.01 11.69
N PRO A 407 10.59 -27.89 11.78
CA PRO A 407 9.76 -27.46 10.67
C PRO A 407 10.61 -27.18 9.43
N THR A 408 10.06 -27.51 8.28
CA THR A 408 10.77 -27.31 7.03
C THR A 408 10.48 -25.90 6.50
N PRO A 409 11.51 -25.12 6.18
CA PRO A 409 11.26 -23.75 5.71
C PRO A 409 10.54 -23.74 4.36
N SER A 410 9.80 -22.66 4.13
CA SER A 410 9.07 -22.49 2.88
C SER A 410 9.99 -21.95 1.81
N LEU A 411 9.41 -21.52 0.68
CA LEU A 411 10.23 -21.02 -0.42
C LEU A 411 10.76 -19.62 -0.14
N ILE A 412 10.07 -18.85 0.71
CA ILE A 412 10.47 -17.47 0.99
C ILE A 412 9.96 -17.10 2.38
N THR A 413 10.51 -16.03 2.93
CA THR A 413 10.15 -15.57 4.28
C THR A 413 9.71 -14.12 4.23
N TRP A 414 8.69 -13.79 5.02
CA TRP A 414 8.15 -12.43 4.99
C TRP A 414 9.18 -11.40 5.42
N LYS A 415 10.12 -11.78 6.29
CA LYS A 415 11.16 -10.86 6.69
C LYS A 415 11.99 -10.42 5.50
N PHE A 416 12.28 -11.35 4.59
CA PHE A 416 13.00 -11.00 3.39
C PHE A 416 12.21 -10.03 2.52
N ILE A 417 10.89 -10.24 2.41
CA ILE A 417 10.08 -9.39 1.55
C ILE A 417 9.99 -7.98 2.11
N GLN A 418 9.80 -7.84 3.41
CA GLN A 418 9.67 -6.49 3.97
C GLN A 418 10.95 -5.69 3.78
N THR A 419 12.10 -6.32 3.93
CA THR A 419 13.35 -5.58 3.89
C THR A 419 13.64 -5.02 2.49
N LYS A 420 13.29 -5.76 1.44
CA LYS A 420 13.81 -5.45 0.12
C LYS A 420 12.85 -4.64 -0.75
N VAL A 421 11.55 -4.87 -0.66
CA VAL A 421 10.62 -4.22 -1.60
C VAL A 421 10.64 -2.71 -1.39
N PRO A 422 10.78 -1.90 -2.43
CA PRO A 422 10.65 -0.45 -2.28
C PRO A 422 9.17 -0.08 -2.14
N TRP A 423 8.76 0.28 -0.93
CA TRP A 423 7.34 0.48 -0.71
C TRP A 423 6.84 1.84 -1.14
N GLY A 424 7.74 2.79 -1.44
CA GLY A 424 7.28 4.08 -1.93
C GLY A 424 6.70 4.03 -3.32
N LEU A 425 6.99 2.96 -4.07
CA LEU A 425 6.43 2.83 -5.40
C LEU A 425 4.91 2.81 -5.36
N VAL A 426 4.31 2.40 -4.24
CA VAL A 426 2.86 2.45 -4.11
C VAL A 426 2.37 3.86 -4.39
N PHE A 427 2.89 4.84 -3.63
CA PHE A 427 2.48 6.22 -3.83
C PHE A 427 2.92 6.73 -5.19
N LEU A 428 4.14 6.42 -5.61
CA LEU A 428 4.66 7.00 -6.85
C LEU A 428 3.84 6.56 -8.05
N LEU A 429 3.38 5.31 -8.06
CA LEU A 429 2.60 4.82 -9.20
C LEU A 429 1.12 5.15 -9.06
N GLY A 430 0.58 5.17 -7.84
CA GLY A 430 -0.81 5.55 -7.67
C GLY A 430 -1.05 7.01 -8.00
N GLY A 431 -0.03 7.85 -7.83
CA GLY A 431 -0.18 9.24 -8.18
C GLY A 431 -0.58 9.44 -9.62
N GLY A 432 -0.03 8.64 -10.52
CA GLY A 432 -0.36 8.77 -11.93
C GLY A 432 -1.84 8.52 -12.20
N PHE A 433 -2.37 7.42 -11.67
CA PHE A 433 -3.77 7.11 -11.88
C PHE A 433 -4.67 8.18 -11.27
N ALA A 434 -4.35 8.59 -10.04
CA ALA A 434 -5.20 9.59 -9.38
C ALA A 434 -5.19 10.88 -10.16
N LEU A 435 -4.02 11.31 -10.61
CA LEU A 435 -3.91 12.58 -11.31
C LEU A 435 -4.62 12.52 -12.66
N ALA A 436 -4.53 11.38 -13.35
CA ALA A 436 -5.22 11.25 -14.63
C ALA A 436 -6.73 11.31 -14.47
N GLU A 437 -7.26 10.59 -13.48
CA GLU A 437 -8.70 10.62 -13.28
C GLU A 437 -9.18 12.00 -12.86
N GLY A 438 -8.43 12.66 -11.98
CA GLY A 438 -8.77 14.02 -11.63
C GLY A 438 -8.76 14.95 -12.82
N SER A 439 -7.80 14.77 -13.73
CA SER A 439 -7.76 15.57 -14.93
C SER A 439 -8.98 15.34 -15.80
N LYS A 440 -9.43 14.09 -15.92
CA LYS A 440 -10.65 13.84 -16.69
C LYS A 440 -11.85 14.53 -16.05
N GLN A 441 -12.03 14.38 -14.75
CA GLN A 441 -13.26 14.89 -14.13
C GLN A 441 -13.28 16.40 -14.05
N SER A 442 -12.14 17.02 -13.76
CA SER A 442 -12.13 18.48 -13.58
C SER A 442 -12.44 19.20 -14.88
N GLY A 443 -12.06 18.62 -16.01
CA GLY A 443 -12.26 19.25 -17.29
C GLY A 443 -11.01 19.75 -17.99
N MET A 444 -9.82 19.38 -17.50
CA MET A 444 -8.59 19.77 -18.18
C MET A 444 -8.49 19.15 -19.57
N ALA A 445 -8.84 17.87 -19.69
CA ALA A 445 -8.60 17.13 -20.92
C ALA A 445 -9.34 17.76 -22.09
N LYS A 446 -10.61 18.10 -21.89
CA LYS A 446 -11.36 18.76 -22.93
C LYS A 446 -10.73 20.09 -23.31
N LEU A 447 -10.18 20.81 -22.32
CA LEU A 447 -9.52 22.07 -22.60
C LEU A 447 -8.31 21.87 -23.50
N ILE A 448 -7.47 20.88 -23.20
CA ILE A 448 -6.31 20.61 -24.03
C ILE A 448 -6.73 20.19 -25.44
N GLY A 449 -7.74 19.33 -25.53
CA GLY A 449 -8.24 18.92 -26.83
C GLY A 449 -8.71 20.09 -27.66
N ASN A 450 -9.45 21.02 -27.05
CA ASN A 450 -9.88 22.19 -27.78
C ASN A 450 -8.69 23.06 -28.18
N ALA A 451 -7.67 23.13 -27.33
CA ALA A 451 -6.49 23.91 -27.67
C ALA A 451 -5.75 23.31 -28.86
N LEU A 452 -5.86 22.00 -29.05
CA LEU A 452 -5.12 21.33 -30.13
C LEU A 452 -5.72 21.58 -31.51
N ILE A 453 -6.93 22.11 -31.60
CA ILE A 453 -7.61 22.21 -32.89
C ILE A 453 -6.89 23.18 -33.82
N GLY A 454 -6.34 24.27 -33.28
CA GLY A 454 -5.84 25.37 -34.09
C GLY A 454 -4.71 25.01 -35.02
N LEU A 455 -4.20 23.77 -34.97
CA LEU A 455 -3.06 23.40 -35.79
C LEU A 455 -3.41 23.13 -37.25
N LYS A 456 -4.70 23.15 -37.62
CA LYS A 456 -5.10 22.72 -38.94
C LYS A 456 -4.57 23.61 -40.05
N VAL A 457 -4.06 24.79 -39.72
CA VAL A 457 -3.64 25.72 -40.76
C VAL A 457 -2.35 25.27 -41.44
N LEU A 458 -1.53 24.49 -40.76
CA LEU A 458 -0.20 24.15 -41.26
C LEU A 458 -0.30 23.16 -42.43
N PRO A 459 0.75 23.09 -43.26
CA PRO A 459 0.81 22.06 -44.31
C PRO A 459 0.92 20.66 -43.73
N ASN A 460 0.98 19.64 -44.60
CA ASN A 460 0.84 18.26 -44.14
C ASN A 460 2.05 17.80 -43.34
N SER A 461 3.23 17.80 -43.96
CA SER A 461 4.41 17.23 -43.31
C SER A 461 4.74 17.98 -42.02
N VAL A 462 4.66 19.30 -42.04
CA VAL A 462 4.87 20.08 -40.83
C VAL A 462 3.85 19.71 -39.77
N LEU A 463 2.61 19.48 -40.20
CA LEU A 463 1.58 19.05 -39.25
C LEU A 463 1.95 17.73 -38.59
N LEU A 464 2.44 16.78 -39.38
CA LEU A 464 2.84 15.49 -38.83
C LEU A 464 3.96 15.65 -37.81
N LEU A 465 4.97 16.45 -38.16
CA LEU A 465 6.08 16.65 -37.24
C LEU A 465 5.62 17.29 -35.93
N VAL A 466 4.77 18.31 -36.03
CA VAL A 466 4.30 18.99 -34.83
C VAL A 466 3.45 18.05 -33.98
N VAL A 467 2.65 17.20 -34.62
CA VAL A 467 1.83 16.25 -33.88
C VAL A 467 2.72 15.31 -33.08
N ILE A 468 3.78 14.80 -33.71
CA ILE A 468 4.67 13.88 -33.01
C ILE A 468 5.33 14.58 -31.82
N LEU A 469 5.81 15.81 -32.03
CA LEU A 469 6.46 16.53 -30.95
C LEU A 469 5.51 16.77 -29.78
N VAL A 470 4.28 17.18 -30.08
CA VAL A 470 3.31 17.44 -29.02
C VAL A 470 3.01 16.17 -28.25
N ALA A 471 2.86 15.05 -28.97
CA ALA A 471 2.58 13.79 -28.29
C ALA A 471 3.69 13.42 -27.33
N VAL A 472 4.95 13.56 -27.76
CA VAL A 472 6.07 13.22 -26.88
C VAL A 472 6.07 14.12 -25.65
N PHE A 473 5.93 15.43 -25.88
CA PHE A 473 6.00 16.36 -24.75
C PHE A 473 4.90 16.08 -23.74
N LEU A 474 3.72 15.69 -24.19
CA LEU A 474 2.62 15.52 -23.20
C LEU A 474 2.74 14.17 -22.47
N THR A 475 3.52 13.21 -23.00
CA THR A 475 3.56 11.87 -22.37
C THR A 475 4.66 11.77 -21.34
N ALA A 476 5.42 12.84 -21.14
CA ALA A 476 6.58 12.77 -20.20
C ALA A 476 6.12 13.08 -18.77
N PHE A 477 4.91 13.59 -18.61
CA PHE A 477 4.43 13.98 -17.25
C PHE A 477 3.11 13.29 -16.95
N SER A 478 2.76 12.24 -17.70
CA SER A 478 1.44 11.59 -17.51
C SER A 478 1.45 10.13 -17.98
N SER A 479 0.40 9.38 -17.66
CA SER A 479 0.30 7.96 -18.10
C SER A 479 0.19 7.90 -19.62
N ASN A 480 0.75 6.85 -20.24
CA ASN A 480 0.73 6.74 -21.71
C ASN A 480 -0.72 6.55 -22.18
N VAL A 481 -1.46 5.64 -21.55
CA VAL A 481 -2.86 5.35 -22.01
C VAL A 481 -3.68 6.64 -21.93
N ALA A 482 -3.52 7.43 -20.87
CA ALA A 482 -4.31 8.66 -20.70
C ALA A 482 -4.07 9.60 -21.87
N ILE A 483 -2.81 9.87 -22.19
CA ILE A 483 -2.49 10.86 -23.28
C ILE A 483 -3.17 10.39 -24.57
N ALA A 484 -3.17 9.07 -24.83
CA ALA A 484 -3.78 8.54 -26.07
C ALA A 484 -5.26 8.90 -26.10
N ASN A 485 -5.98 8.62 -25.02
CA ASN A 485 -7.45 8.88 -24.98
C ASN A 485 -7.71 10.37 -25.18
N ILE A 486 -6.78 11.22 -24.76
CA ILE A 486 -7.00 12.70 -24.83
C ILE A 486 -6.62 13.23 -26.22
N ILE A 487 -5.77 12.52 -26.96
CA ILE A 487 -5.30 13.10 -28.21
C ILE A 487 -5.94 12.47 -29.46
N ILE A 488 -6.25 11.16 -29.44
CA ILE A 488 -6.64 10.49 -30.68
C ILE A 488 -7.94 11.04 -31.29
N PRO A 489 -9.05 11.16 -30.55
CA PRO A 489 -10.28 11.61 -31.21
C PRO A 489 -10.17 12.97 -31.87
N VAL A 490 -9.42 13.89 -31.25
CA VAL A 490 -9.23 15.20 -31.85
C VAL A 490 -8.53 15.06 -33.20
N LEU A 491 -7.51 14.21 -33.26
CA LEU A 491 -6.83 13.97 -34.52
C LEU A 491 -7.78 13.40 -35.56
N ALA A 492 -8.65 12.47 -35.15
CA ALA A 492 -9.59 11.88 -36.10
C ALA A 492 -10.50 12.95 -36.69
N GLU A 493 -11.11 13.77 -35.84
CA GLU A 493 -12.02 14.79 -36.34
C GLU A 493 -11.28 15.81 -37.21
N MET A 494 -10.10 16.24 -36.77
CA MET A 494 -9.35 17.22 -37.55
C MET A 494 -8.95 16.67 -38.91
N SER A 495 -8.55 15.40 -38.95
CA SER A 495 -8.21 14.78 -40.22
C SER A 495 -9.42 14.68 -41.13
N LEU A 496 -10.60 14.46 -40.56
CA LEU A 496 -11.80 14.51 -41.38
C LEU A 496 -12.04 15.92 -41.92
N ALA A 497 -11.74 16.94 -41.13
CA ALA A 497 -12.04 18.31 -41.55
C ALA A 497 -11.27 18.69 -42.81
N ILE A 498 -9.96 18.53 -42.79
CA ILE A 498 -9.14 18.70 -43.99
C ILE A 498 -9.19 17.40 -44.78
N GLU A 499 -8.66 17.42 -46.00
CA GLU A 499 -8.72 16.24 -46.87
C GLU A 499 -7.47 15.39 -46.66
N ILE A 500 -7.45 14.65 -45.55
CA ILE A 500 -6.32 13.82 -45.16
C ILE A 500 -6.84 12.45 -44.73
N HIS A 501 -6.15 11.40 -45.17
CA HIS A 501 -6.50 10.06 -44.73
C HIS A 501 -6.26 9.95 -43.23
N PRO A 502 -7.23 9.46 -42.46
CA PRO A 502 -7.09 9.47 -41.00
C PRO A 502 -5.91 8.68 -40.47
N LEU A 503 -5.58 7.55 -41.09
CA LEU A 503 -4.47 6.74 -40.59
C LEU A 503 -3.16 7.51 -40.67
N TYR A 504 -3.00 8.32 -41.72
CA TYR A 504 -1.76 9.05 -41.96
C TYR A 504 -1.35 9.86 -40.75
N LEU A 505 -2.31 10.39 -40.00
CA LEU A 505 -2.02 11.10 -38.76
C LEU A 505 -2.14 10.21 -37.53
N ILE A 506 -3.13 9.32 -37.49
CA ILE A 506 -3.39 8.58 -36.27
C ILE A 506 -2.22 7.66 -35.93
N LEU A 507 -1.73 6.90 -36.91
CA LEU A 507 -0.79 5.84 -36.59
C LEU A 507 0.54 6.35 -36.03
N PRO A 508 1.22 7.32 -36.65
CA PRO A 508 2.47 7.80 -36.06
C PRO A 508 2.30 8.36 -34.66
N ALA A 509 1.23 9.12 -34.42
CA ALA A 509 1.02 9.67 -33.09
C ALA A 509 0.76 8.57 -32.07
N GLY A 510 -0.04 7.57 -32.45
CA GLY A 510 -0.31 6.47 -31.55
C GLY A 510 0.97 5.73 -31.18
N LEU A 511 1.88 5.56 -32.13
CA LEU A 511 3.17 4.99 -31.78
C LEU A 511 3.97 5.93 -30.89
N ALA A 512 3.92 7.23 -31.18
CA ALA A 512 4.80 8.17 -30.48
C ALA A 512 4.40 8.36 -29.03
N CYS A 513 3.14 8.12 -28.68
CA CYS A 513 2.72 8.32 -27.31
C CYS A 513 3.49 7.45 -26.33
N SER A 514 4.11 6.36 -26.79
CA SER A 514 4.78 5.42 -25.92
C SER A 514 6.25 5.70 -25.72
N MET A 515 6.79 6.75 -26.32
CA MET A 515 8.22 7.05 -26.22
C MET A 515 8.46 8.03 -25.08
N ALA A 516 8.80 7.50 -23.90
CA ALA A 516 9.08 8.32 -22.73
C ALA A 516 10.38 7.83 -22.11
N PHE A 517 11.37 8.72 -22.01
CA PHE A 517 12.68 8.33 -21.53
C PHE A 517 13.33 9.28 -20.53
N HIS A 518 12.64 10.32 -20.08
CA HIS A 518 13.33 11.39 -19.37
C HIS A 518 13.18 11.35 -17.86
N LEU A 519 12.02 10.97 -17.33
CA LEU A 519 11.78 11.07 -15.91
C LEU A 519 11.30 9.74 -15.34
N PRO A 520 11.53 9.50 -14.05
CA PRO A 520 11.03 8.27 -13.44
C PRO A 520 9.52 8.16 -13.42
N VAL A 521 8.80 9.28 -13.51
CA VAL A 521 7.35 9.25 -13.45
C VAL A 521 6.69 9.05 -14.79
N SER A 522 7.46 9.01 -15.88
CA SER A 522 6.86 8.94 -17.21
C SER A 522 6.23 7.59 -17.48
N THR A 523 6.87 6.51 -17.02
CA THR A 523 6.42 5.16 -17.36
C THR A 523 6.94 4.20 -16.31
N PRO A 524 6.21 3.11 -16.03
CA PRO A 524 6.56 2.24 -14.92
C PRO A 524 7.96 1.64 -15.01
N PRO A 525 8.45 1.25 -16.20
CA PRO A 525 9.81 0.70 -16.23
C PRO A 525 10.86 1.64 -15.67
N ASN A 526 10.75 2.94 -15.95
CA ASN A 526 11.69 3.90 -15.40
C ASN A 526 11.63 3.92 -13.88
N ALA A 527 10.42 3.90 -13.33
CA ALA A 527 10.28 3.92 -11.88
C ALA A 527 10.87 2.67 -11.25
N LEU A 528 10.61 1.51 -11.85
CA LEU A 528 11.17 0.27 -11.30
C LEU A 528 12.68 0.29 -11.32
N VAL A 529 13.27 0.75 -12.44
CA VAL A 529 14.73 0.78 -12.51
C VAL A 529 15.30 1.76 -11.49
N ALA A 530 14.69 2.94 -11.36
CA ALA A 530 15.18 3.91 -10.40
C ALA A 530 15.09 3.39 -8.97
N GLY A 531 14.01 2.68 -8.65
CA GLY A 531 13.90 2.10 -7.33
C GLY A 531 14.91 1.01 -7.06
N TYR A 532 15.10 0.10 -8.03
CA TYR A 532 15.96 -1.06 -7.78
C TYR A 532 17.41 -0.65 -7.59
N ALA A 533 17.95 0.14 -8.51
CA ALA A 533 19.28 0.70 -8.39
C ALA A 533 19.15 2.21 -8.26
N ASN A 534 19.78 2.78 -7.26
CA ASN A 534 19.55 4.18 -6.91
C ASN A 534 20.09 5.06 -8.03
N ILE A 535 19.18 5.59 -8.84
CA ILE A 535 19.52 6.42 -9.99
C ILE A 535 18.87 7.78 -9.80
N ARG A 536 19.68 8.83 -9.78
CA ARG A 536 19.15 10.16 -9.62
C ARG A 536 18.55 10.65 -10.92
N THR A 537 17.67 11.65 -10.82
CA THR A 537 16.92 12.10 -11.98
C THR A 537 17.81 12.80 -13.00
N LYS A 538 18.85 13.50 -12.57
CA LYS A 538 19.66 14.25 -13.52
C LYS A 538 20.33 13.34 -14.54
N ASP A 539 20.85 12.21 -14.10
CA ASP A 539 21.51 11.29 -15.01
C ASP A 539 20.54 10.75 -16.05
N MET A 540 19.35 10.34 -15.60
CA MET A 540 18.35 9.83 -16.54
C MET A 540 17.93 10.90 -17.53
N ALA A 541 17.72 12.12 -17.04
CA ALA A 541 17.29 13.21 -17.92
C ALA A 541 18.34 13.52 -18.97
N ILE A 542 19.62 13.54 -18.57
CA ILE A 542 20.68 13.79 -19.55
C ILE A 542 20.76 12.65 -20.55
N ALA A 543 20.68 11.41 -20.08
CA ALA A 543 20.84 10.28 -20.98
C ALA A 543 19.67 10.15 -21.95
N GLY A 544 18.50 10.65 -21.59
CA GLY A 544 17.35 10.45 -22.43
C GLY A 544 17.30 11.28 -23.69
N ILE A 545 18.30 12.12 -23.95
CA ILE A 545 18.23 12.99 -25.13
C ILE A 545 18.36 12.20 -26.42
N GLY A 546 19.22 11.17 -26.42
CA GLY A 546 19.48 10.41 -27.61
C GLY A 546 18.26 9.70 -28.19
N PRO A 547 17.65 8.81 -27.40
CA PRO A 547 16.50 8.06 -27.92
C PRO A 547 15.36 8.93 -28.38
N THR A 548 15.13 10.07 -27.74
CA THR A 548 14.05 10.95 -28.18
C THR A 548 14.24 11.38 -29.63
N ILE A 549 15.42 11.93 -29.93
CA ILE A 549 15.69 12.38 -31.29
C ILE A 549 15.68 11.21 -32.25
N ILE A 550 16.30 10.10 -31.87
CA ILE A 550 16.39 8.96 -32.76
C ILE A 550 15.00 8.48 -33.15
N THR A 551 14.13 8.30 -32.17
CA THR A 551 12.79 7.82 -32.45
C THR A 551 11.99 8.82 -33.28
N ILE A 552 12.09 10.11 -32.95
CA ILE A 552 11.31 11.09 -33.71
C ILE A 552 11.68 11.02 -35.18
N ILE A 553 12.98 11.06 -35.48
CA ILE A 553 13.39 11.05 -36.87
C ILE A 553 13.02 9.74 -37.54
N THR A 554 13.20 8.62 -36.84
CA THR A 554 12.94 7.33 -37.45
C THR A 554 11.47 7.16 -37.80
N LEU A 555 10.57 7.49 -36.88
CA LEU A 555 9.14 7.42 -37.20
C LEU A 555 8.80 8.36 -38.34
N PHE A 556 9.29 9.59 -38.32
CA PHE A 556 8.98 10.50 -39.42
C PHE A 556 9.34 9.89 -40.76
N VAL A 557 10.58 9.44 -40.90
CA VAL A 557 11.08 8.99 -42.19
C VAL A 557 10.39 7.70 -42.62
N PHE A 558 10.35 6.70 -41.74
CA PHE A 558 9.76 5.44 -42.15
C PHE A 558 8.26 5.52 -42.35
N CYS A 559 7.54 6.34 -41.58
CA CYS A 559 6.16 6.58 -41.95
C CYS A 559 6.08 7.08 -43.38
N GLN A 560 6.65 8.26 -43.64
CA GLN A 560 6.47 8.88 -44.95
C GLN A 560 6.91 7.98 -46.10
N THR A 561 7.90 7.11 -45.88
CA THR A 561 8.41 6.28 -46.98
C THR A 561 7.83 4.88 -47.00
N TRP A 562 8.02 4.12 -45.94
CA TRP A 562 7.63 2.72 -45.90
C TRP A 562 6.13 2.52 -45.71
N GLY A 563 5.40 3.49 -45.15
CA GLY A 563 3.99 3.26 -44.90
C GLY A 563 3.21 3.00 -46.18
N LEU A 564 3.60 3.68 -47.27
CA LEU A 564 2.87 3.52 -48.52
C LEU A 564 2.92 2.09 -49.03
N VAL A 565 4.02 1.39 -48.78
CA VAL A 565 4.12 0.00 -49.23
C VAL A 565 3.08 -0.86 -48.53
N VAL A 566 2.94 -0.70 -47.21
CA VAL A 566 1.99 -1.50 -46.46
C VAL A 566 0.57 -1.07 -46.78
N TYR A 567 0.32 0.23 -46.78
CA TYR A 567 -1.01 0.79 -47.05
C TYR A 567 -0.92 1.68 -48.27
N PRO A 568 -1.08 1.14 -49.47
CA PRO A 568 -1.19 1.99 -50.64
C PRO A 568 -2.44 2.85 -50.55
N ASN A 569 -2.47 3.90 -51.37
CA ASN A 569 -3.54 4.89 -51.35
C ASN A 569 -3.62 5.62 -50.02
N LEU A 570 -2.51 5.70 -49.29
CA LEU A 570 -2.51 6.44 -48.03
C LEU A 570 -2.59 7.94 -48.29
N ASN A 571 -1.97 8.41 -49.37
CA ASN A 571 -1.97 9.84 -49.66
C ASN A 571 -3.36 10.31 -50.11
N SER A 572 -4.05 9.52 -50.92
CA SER A 572 -5.31 9.94 -51.48
C SER A 572 -6.42 9.91 -50.43
N PHE A 573 -7.54 10.56 -50.76
CA PHE A 573 -8.69 10.59 -49.88
C PHE A 573 -9.68 9.53 -50.35
N PRO A 574 -9.91 8.46 -49.59
CA PRO A 574 -10.77 7.39 -50.07
C PRO A 574 -12.25 7.79 -50.06
N GLU A 575 -13.07 6.91 -50.62
CA GLU A 575 -14.50 7.19 -50.76
C GLU A 575 -15.20 7.24 -49.40
N TRP A 576 -14.97 6.24 -48.57
CA TRP A 576 -15.66 6.18 -47.28
C TRP A 576 -15.31 7.38 -46.42
N ALA A 577 -14.09 7.89 -46.52
CA ALA A 577 -13.74 9.12 -45.84
C ALA A 577 -14.59 10.28 -46.34
N GLN A 578 -14.82 10.35 -47.65
CA GLN A 578 -15.67 11.41 -48.18
C GLN A 578 -17.09 11.30 -47.65
N ILE A 579 -17.61 10.07 -47.57
CA ILE A 579 -18.96 9.89 -47.04
C ILE A 579 -19.04 10.34 -45.59
N TYR A 580 -18.06 9.93 -44.78
CA TYR A 580 -18.06 10.32 -43.37
C TYR A 580 -17.95 11.83 -43.22
N ALA A 581 -17.08 12.46 -44.01
CA ALA A 581 -16.92 13.90 -43.93
C ALA A 581 -18.19 14.63 -44.33
N ALA A 582 -18.83 14.18 -45.41
CA ALA A 582 -20.06 14.82 -45.85
C ALA A 582 -21.16 14.68 -44.80
N ALA A 583 -21.21 13.54 -44.13
CA ALA A 583 -22.20 13.33 -43.06
C ALA A 583 -21.73 13.98 -41.77
N ALA A 584 -21.46 15.29 -41.85
CA ALA A 584 -21.02 16.06 -40.69
C ALA A 584 -21.23 17.55 -40.93
N CYS B 33 5.13 -42.22 14.23
CA CYS B 33 5.63 -41.53 15.42
C CYS B 33 4.92 -40.19 15.61
N SER B 34 4.55 -39.89 16.86
CA SER B 34 3.93 -38.60 17.15
C SER B 34 4.89 -37.44 16.92
N ASN B 35 6.20 -37.73 16.85
CA ASN B 35 7.17 -36.68 16.56
C ASN B 35 6.88 -36.03 15.22
N PHE B 36 6.39 -36.81 14.25
CA PHE B 36 6.01 -36.25 12.96
C PHE B 36 4.95 -35.18 13.13
N PHE B 37 3.89 -35.47 13.88
CA PHE B 37 2.86 -34.47 14.13
C PHE B 37 3.43 -33.28 14.88
N ALA B 38 4.31 -33.55 15.84
CA ALA B 38 4.90 -32.46 16.62
C ALA B 38 5.67 -31.50 15.75
N ASN B 39 6.31 -32.01 14.69
CA ASN B 39 7.15 -31.15 13.87
C ASN B 39 6.43 -30.52 12.69
N HIS B 40 5.56 -31.25 12.00
CA HIS B 40 4.98 -30.80 10.75
C HIS B 40 3.47 -30.71 10.80
N TRP B 41 2.92 -30.11 11.86
CA TRP B 41 1.47 -29.98 11.92
C TRP B 41 0.95 -28.82 11.09
N LYS B 42 1.73 -27.76 10.94
CA LYS B 42 1.26 -26.60 10.18
C LYS B 42 1.00 -26.96 8.73
N GLY B 43 1.93 -27.69 8.11
CA GLY B 43 1.70 -28.14 6.74
C GLY B 43 0.51 -29.06 6.64
N LEU B 44 0.31 -29.91 7.65
CA LEU B 44 -0.86 -30.79 7.63
C LEU B 44 -2.14 -29.97 7.64
N VAL B 45 -2.20 -28.94 8.46
CA VAL B 45 -3.40 -28.09 8.48
C VAL B 45 -3.61 -27.44 7.12
N VAL B 46 -2.54 -26.87 6.56
CA VAL B 46 -2.66 -26.15 5.29
C VAL B 46 -3.16 -27.09 4.20
N PHE B 47 -2.66 -28.32 4.18
CA PHE B 47 -3.04 -29.24 3.12
C PHE B 47 -4.43 -29.82 3.34
N LEU B 48 -4.85 -30.00 4.59
CA LEU B 48 -6.07 -30.75 4.82
C LEU B 48 -7.32 -29.88 4.95
N VAL B 49 -7.22 -28.68 5.52
CA VAL B 49 -8.43 -27.93 5.86
C VAL B 49 -9.32 -27.66 4.66
N PRO B 50 -8.83 -27.17 3.52
CA PRO B 50 -9.75 -26.90 2.41
C PRO B 50 -10.53 -28.11 1.94
N LEU B 51 -9.88 -29.27 1.88
CA LEU B 51 -10.59 -30.47 1.46
C LEU B 51 -11.67 -30.85 2.45
N LEU B 52 -11.40 -30.70 3.75
CA LEU B 52 -12.40 -31.02 4.76
C LEU B 52 -13.57 -30.04 4.71
N CYS B 53 -13.32 -28.78 4.37
CA CYS B 53 -14.39 -27.80 4.33
C CYS B 53 -15.11 -27.74 2.99
N LEU B 54 -14.65 -28.47 2.00
CA LEU B 54 -15.33 -28.53 0.70
C LEU B 54 -16.81 -28.91 0.77
N PRO B 55 -17.27 -29.84 1.61
CA PRO B 55 -18.70 -30.18 1.61
C PRO B 55 -19.62 -28.99 1.84
N VAL B 56 -19.15 -27.97 2.55
CA VAL B 56 -19.97 -26.77 2.73
C VAL B 56 -20.35 -26.19 1.37
N MET B 57 -19.38 -26.06 0.48
CA MET B 57 -19.68 -25.57 -0.86
C MET B 57 -20.51 -26.59 -1.64
N LEU B 58 -20.14 -27.86 -1.56
CA LEU B 58 -20.73 -28.82 -2.49
C LEU B 58 -22.19 -29.13 -2.17
N LEU B 59 -22.55 -29.15 -0.90
CA LEU B 59 -23.89 -29.61 -0.54
C LEU B 59 -24.96 -28.55 -0.74
N ASN B 60 -24.59 -27.28 -0.83
CA ASN B 60 -25.54 -26.19 -0.96
C ASN B 60 -25.27 -25.40 -2.23
N GLU B 61 -26.34 -24.83 -2.81
CA GLU B 61 -26.28 -24.33 -4.18
C GLU B 61 -26.05 -22.83 -4.27
N GLY B 62 -26.49 -22.05 -3.29
CA GLY B 62 -26.45 -20.60 -3.42
C GLY B 62 -25.04 -20.06 -3.48
N ALA B 63 -24.96 -18.79 -3.89
CA ALA B 63 -23.68 -18.11 -3.91
C ALA B 63 -23.22 -17.75 -2.50
N GLU B 64 -24.14 -17.74 -1.53
CA GLU B 64 -23.77 -17.39 -0.17
C GLU B 64 -22.81 -18.40 0.43
N PHE B 65 -22.97 -19.66 0.08
CA PHE B 65 -22.21 -20.70 0.76
C PHE B 65 -20.76 -20.72 0.31
N ARG B 66 -20.47 -20.25 -0.90
CA ARG B 66 -19.08 -20.10 -1.30
C ARG B 66 -18.37 -19.07 -0.43
N CYS B 67 -19.02 -17.92 -0.19
CA CYS B 67 -18.44 -16.93 0.70
C CYS B 67 -18.30 -17.49 2.12
N MET B 68 -19.29 -18.26 2.56
CA MET B 68 -19.19 -18.87 3.89
C MET B 68 -17.99 -19.82 3.98
N TYR B 69 -17.76 -20.62 2.94
CA TYR B 69 -16.61 -21.51 2.91
C TYR B 69 -15.32 -20.73 3.00
N LEU B 70 -15.22 -19.65 2.21
CA LEU B 70 -14.01 -18.82 2.24
C LEU B 70 -13.78 -18.26 3.63
N LEU B 71 -14.83 -17.74 4.27
CA LEU B 71 -14.70 -17.18 5.60
C LEU B 71 -14.23 -18.21 6.61
N LEU B 72 -14.83 -19.41 6.55
CA LEU B 72 -14.43 -20.46 7.49
C LEU B 72 -12.97 -20.83 7.33
N VAL B 73 -12.52 -20.99 6.09
CA VAL B 73 -11.12 -21.36 5.87
C VAL B 73 -10.19 -20.27 6.39
N MET B 74 -10.49 -19.00 6.10
CA MET B 74 -9.64 -17.94 6.59
C MET B 74 -9.62 -17.89 8.11
N ALA B 75 -10.75 -18.12 8.75
CA ALA B 75 -10.78 -18.10 10.20
C ALA B 75 -9.87 -19.18 10.78
N ILE B 76 -9.96 -20.39 10.22
CA ILE B 76 -9.13 -21.48 10.74
C ILE B 76 -7.66 -21.17 10.51
N PHE B 77 -7.32 -20.55 9.39
CA PHE B 77 -5.92 -20.17 9.17
C PHE B 77 -5.47 -19.09 10.14
N TRP B 78 -6.34 -18.13 10.44
CA TRP B 78 -5.98 -17.03 11.34
C TRP B 78 -5.73 -17.52 12.74
N VAL B 79 -6.56 -18.45 13.23
CA VAL B 79 -6.45 -18.87 14.63
C VAL B 79 -5.12 -19.57 14.87
N THR B 80 -4.73 -20.48 13.98
CA THR B 80 -3.58 -21.33 14.23
C THR B 80 -2.27 -20.77 13.70
N GLU B 81 -2.30 -19.67 12.95
CA GLU B 81 -1.11 -19.09 12.35
C GLU B 81 -0.35 -20.11 11.50
N ALA B 82 -1.09 -20.85 10.68
CA ALA B 82 -0.45 -21.75 9.73
C ALA B 82 0.36 -20.99 8.71
N LEU B 83 -0.13 -19.83 8.28
CA LEU B 83 0.54 -18.92 7.39
C LEU B 83 0.73 -17.58 8.09
N PRO B 84 1.68 -16.77 7.66
CA PRO B 84 1.77 -15.41 8.19
C PRO B 84 0.46 -14.67 7.94
N LEU B 85 0.07 -13.83 8.90
CA LEU B 85 -1.23 -13.18 8.81
C LEU B 85 -1.36 -12.35 7.54
N TYR B 86 -0.30 -11.64 7.19
CA TYR B 86 -0.34 -10.79 6.01
C TYR B 86 -0.59 -11.61 4.75
N VAL B 87 0.06 -12.76 4.64
CA VAL B 87 -0.15 -13.62 3.47
C VAL B 87 -1.58 -14.12 3.43
N THR B 88 -2.12 -14.56 4.58
CA THR B 88 -3.49 -15.05 4.60
C THR B 88 -4.47 -13.97 4.17
N SER B 89 -4.17 -12.71 4.50
CA SER B 89 -5.09 -11.64 4.11
C SER B 89 -5.14 -11.39 2.61
N MET B 90 -4.21 -11.96 1.83
CA MET B 90 -4.22 -11.74 0.38
C MET B 90 -5.21 -12.64 -0.35
N ILE B 91 -5.74 -13.67 0.31
CA ILE B 91 -6.57 -14.65 -0.40
C ILE B 91 -7.77 -14.04 -1.10
N PRO B 92 -8.50 -13.06 -0.54
CA PRO B 92 -9.70 -12.58 -1.25
C PRO B 92 -9.45 -12.12 -2.67
N ILE B 93 -8.28 -11.51 -2.93
CA ILE B 93 -7.99 -11.03 -4.28
C ILE B 93 -8.07 -12.16 -5.28
N VAL B 94 -7.54 -13.32 -4.94
CA VAL B 94 -7.63 -14.48 -5.83
C VAL B 94 -9.03 -15.08 -5.78
N ALA B 95 -9.63 -15.18 -4.60
CA ALA B 95 -10.82 -16.00 -4.44
C ALA B 95 -12.07 -15.34 -5.02
N PHE B 96 -12.29 -14.06 -4.74
CA PHE B 96 -13.56 -13.44 -5.13
C PHE B 96 -13.82 -13.46 -6.63
N PRO B 97 -12.89 -13.05 -7.50
CA PRO B 97 -13.20 -13.09 -8.94
C PRO B 97 -13.53 -14.48 -9.45
N ILE B 98 -12.88 -15.52 -8.93
CA ILE B 98 -13.21 -16.88 -9.37
C ILE B 98 -14.60 -17.27 -8.90
N MET B 99 -14.92 -16.97 -7.63
CA MET B 99 -16.23 -17.32 -7.10
C MET B 99 -17.34 -16.64 -7.87
N GLY B 100 -17.05 -15.49 -8.48
CA GLY B 100 -18.07 -14.73 -9.16
C GLY B 100 -18.72 -13.66 -8.33
N ILE B 101 -18.17 -13.34 -7.17
CA ILE B 101 -18.81 -12.38 -6.27
C ILE B 101 -18.55 -10.96 -6.72
N MET B 102 -17.29 -10.60 -6.94
CA MET B 102 -16.93 -9.25 -7.36
C MET B 102 -15.86 -9.30 -8.42
N SER B 103 -15.83 -8.28 -9.27
CA SER B 103 -14.81 -8.18 -10.29
C SER B 103 -13.46 -7.90 -9.65
N SER B 104 -12.40 -8.18 -10.39
CA SER B 104 -11.06 -8.07 -9.83
C SER B 104 -10.69 -6.63 -9.54
N ASP B 105 -11.05 -5.72 -10.44
CA ASP B 105 -10.73 -4.31 -10.20
C ASP B 105 -11.49 -3.79 -8.99
N GLN B 106 -12.73 -4.21 -8.82
CA GLN B 106 -13.52 -3.76 -7.69
C GLN B 106 -12.97 -4.30 -6.37
N THR B 107 -12.39 -5.49 -6.38
CA THR B 107 -11.86 -6.07 -5.15
C THR B 107 -10.61 -5.35 -4.70
N CYS B 108 -9.67 -5.09 -5.62
CA CYS B 108 -8.39 -4.52 -5.23
C CYS B 108 -8.54 -3.12 -4.68
N ARG B 109 -9.58 -2.41 -5.07
CA ARG B 109 -9.77 -1.04 -4.58
C ARG B 109 -10.43 -1.00 -3.21
N LEU B 110 -10.96 -2.11 -2.72
CA LEU B 110 -11.51 -2.11 -1.36
C LEU B 110 -10.41 -2.00 -0.33
N TYR B 111 -9.26 -2.62 -0.60
CA TYR B 111 -8.07 -2.29 0.17
C TYR B 111 -7.76 -0.81 -0.03
N PHE B 112 -6.91 -0.28 0.84
CA PHE B 112 -6.45 1.09 0.73
C PHE B 112 -7.61 2.07 0.63
N LYS B 113 -8.56 1.91 1.54
CA LYS B 113 -9.67 2.84 1.68
C LYS B 113 -9.17 4.11 2.36
N ASP B 114 -10.09 5.00 2.72
CA ASP B 114 -9.72 6.22 3.42
C ASP B 114 -9.17 5.92 4.82
N THR B 115 -9.88 5.08 5.56
CA THR B 115 -9.51 4.82 6.95
C THR B 115 -8.12 4.20 7.04
N LEU B 116 -7.77 3.36 6.09
CA LEU B 116 -6.44 2.77 6.09
C LEU B 116 -5.37 3.83 5.90
N VAL B 117 -5.62 4.80 5.04
CA VAL B 117 -4.68 5.91 4.89
C VAL B 117 -4.54 6.65 6.19
N MET B 118 -5.65 6.84 6.91
CA MET B 118 -5.56 7.51 8.20
C MET B 118 -4.67 6.74 9.16
N PHE B 119 -4.82 5.41 9.21
CA PHE B 119 -4.00 4.61 10.12
C PHE B 119 -2.52 4.71 9.78
N MET B 120 -2.18 4.56 8.49
CA MET B 120 -0.77 4.60 8.11
C MET B 120 -0.17 5.97 8.37
N GLY B 121 -0.93 7.03 8.12
CA GLY B 121 -0.44 8.35 8.44
C GLY B 121 -0.19 8.54 9.93
N GLY B 122 -1.08 8.00 10.76
CA GLY B 122 -0.85 8.05 12.19
C GLY B 122 0.44 7.37 12.59
N ILE B 123 0.71 6.20 12.00
CA ILE B 123 1.96 5.51 12.30
C ILE B 123 3.16 6.36 11.89
N MET B 124 3.09 6.99 10.73
CA MET B 124 4.20 7.82 10.27
C MET B 124 4.44 8.99 11.21
N VAL B 125 3.37 9.64 11.68
CA VAL B 125 3.54 10.75 12.60
C VAL B 125 4.15 10.28 13.92
N ALA B 126 3.74 9.11 14.40
CA ALA B 126 4.36 8.57 15.60
C ALA B 126 5.85 8.35 15.41
N LEU B 127 6.24 7.84 14.24
CA LEU B 127 7.66 7.69 13.95
C LEU B 127 8.38 9.04 13.97
N ALA B 128 7.73 10.06 13.42
CA ALA B 128 8.33 11.39 13.45
C ALA B 128 8.55 11.86 14.89
N VAL B 129 7.60 11.57 15.77
CA VAL B 129 7.78 11.91 17.19
C VAL B 129 8.97 11.16 17.76
N GLU B 130 9.09 9.88 17.44
CA GLU B 130 10.20 9.09 17.98
C GLU B 130 11.55 9.57 17.48
N TYR B 131 11.60 10.11 16.26
CA TYR B 131 12.89 10.45 15.66
C TYR B 131 13.62 11.53 16.44
N CYS B 132 12.89 12.49 17.01
CA CYS B 132 13.50 13.64 17.66
C CYS B 132 13.70 13.45 19.16
N ASN B 133 13.53 12.22 19.67
CA ASN B 133 13.77 11.91 21.08
C ASN B 133 12.85 12.71 22.00
N LEU B 134 11.63 12.98 21.56
CA LEU B 134 10.66 13.59 22.45
C LEU B 134 10.08 12.59 23.43
N HIS B 135 9.96 11.33 23.00
CA HIS B 135 9.33 10.32 23.83
C HIS B 135 10.12 10.09 25.11
N LYS B 136 11.46 10.14 25.03
CA LYS B 136 12.25 10.00 26.25
C LYS B 136 11.98 11.14 27.22
N ARG B 137 11.86 12.36 26.71
CA ARG B 137 11.55 13.49 27.58
C ARG B 137 10.21 13.28 28.28
N LEU B 138 9.19 12.89 27.53
CA LEU B 138 7.89 12.68 28.14
C LEU B 138 7.93 11.55 29.17
N ALA B 139 8.63 10.47 28.85
CA ALA B 139 8.69 9.34 29.79
C ALA B 139 9.40 9.74 31.07
N LEU B 140 10.50 10.48 30.96
CA LEU B 140 11.19 10.93 32.16
C LEU B 140 10.32 11.85 32.99
N ARG B 141 9.58 12.75 32.34
CA ARG B 141 8.69 13.63 33.08
C ARG B 141 7.63 12.83 33.82
N VAL B 142 7.04 11.83 33.16
CA VAL B 142 6.00 11.02 33.79
C VAL B 142 6.55 10.24 34.98
N ILE B 143 7.70 9.60 34.79
CA ILE B 143 8.31 8.84 35.88
C ILE B 143 8.63 9.76 37.04
N GLN B 144 9.10 10.97 36.75
CA GLN B 144 9.41 11.92 37.81
C GLN B 144 8.16 12.30 38.58
N ILE B 145 7.03 12.43 37.90
CA ILE B 145 5.79 12.78 38.58
C ILE B 145 5.31 11.62 39.45
N VAL B 146 5.25 10.41 38.88
CA VAL B 146 4.53 9.33 39.53
C VAL B 146 5.32 8.75 40.70
N GLY B 147 6.55 8.32 40.45
CA GLY B 147 7.37 7.82 41.54
C GLY B 147 8.13 6.53 41.31
N CYS B 148 8.17 6.05 40.07
CA CYS B 148 9.04 4.94 39.67
C CYS B 148 8.66 3.63 40.35
N SER B 149 7.37 3.32 40.37
CA SER B 149 6.89 2.02 40.81
C SER B 149 6.12 1.38 39.66
N PRO B 150 6.47 0.18 39.21
CA PRO B 150 5.83 -0.36 38.00
C PRO B 150 4.33 -0.45 38.10
N ARG B 151 3.80 -0.79 39.28
CA ARG B 151 2.36 -0.89 39.45
C ARG B 151 1.68 0.47 39.26
N ARG B 152 2.20 1.50 39.95
CA ARG B 152 1.57 2.81 39.86
C ARG B 152 1.70 3.38 38.46
N LEU B 153 2.84 3.14 37.80
CA LEU B 153 3.00 3.58 36.43
C LEU B 153 2.00 2.91 35.51
N HIS B 154 1.79 1.61 35.69
CA HIS B 154 0.80 0.91 34.87
C HIS B 154 -0.58 1.48 35.07
N PHE B 155 -0.96 1.73 36.32
CA PHE B 155 -2.28 2.28 36.60
C PHE B 155 -2.45 3.65 35.96
N GLY B 156 -1.44 4.51 36.10
CA GLY B 156 -1.54 5.84 35.52
C GLY B 156 -1.64 5.81 34.01
N LEU B 157 -0.84 4.97 33.36
CA LEU B 157 -0.91 4.88 31.90
C LEU B 157 -2.26 4.36 31.44
N ILE B 158 -2.82 3.37 32.13
CA ILE B 158 -4.13 2.85 31.76
C ILE B 158 -5.19 3.95 31.87
N MET B 159 -5.20 4.68 32.98
CA MET B 159 -6.21 5.72 33.16
C MET B 159 -6.07 6.81 32.11
N VAL B 160 -4.85 7.26 31.83
CA VAL B 160 -4.67 8.31 30.83
C VAL B 160 -5.12 7.83 29.46
N THR B 161 -4.78 6.59 29.11
CA THR B 161 -5.16 6.08 27.80
C THR B 161 -6.67 6.01 27.67
N MET B 162 -7.36 5.54 28.71
CA MET B 162 -8.83 5.46 28.64
C MET B 162 -9.43 6.85 28.48
N PHE B 163 -8.94 7.80 29.28
CA PHE B 163 -9.49 9.15 29.20
C PHE B 163 -9.28 9.76 27.82
N LEU B 164 -8.10 9.56 27.23
CA LEU B 164 -7.86 10.08 25.89
C LEU B 164 -8.76 9.41 24.86
N SER B 165 -8.84 8.08 24.89
CA SER B 165 -9.64 7.37 23.90
C SER B 165 -11.11 7.68 24.02
N MET B 166 -11.53 8.24 25.16
CA MET B 166 -12.92 8.66 25.29
C MET B 166 -13.34 9.68 24.24
N TRP B 167 -12.39 10.42 23.65
CA TRP B 167 -12.72 11.52 22.75
C TRP B 167 -12.25 11.33 21.32
N ILE B 168 -11.27 10.45 21.06
CA ILE B 168 -10.66 10.32 19.76
C ILE B 168 -10.79 8.87 19.29
N SER B 169 -10.51 8.66 18.00
CA SER B 169 -10.53 7.31 17.46
C SER B 169 -9.49 6.44 18.14
N ASN B 170 -9.80 5.14 18.24
CA ASN B 170 -8.99 4.24 19.04
C ASN B 170 -7.59 4.07 18.48
N ALA B 171 -7.49 3.90 17.16
CA ALA B 171 -6.19 3.65 16.55
C ALA B 171 -5.24 4.82 16.75
N ALA B 172 -5.77 6.04 16.68
CA ALA B 172 -4.93 7.22 16.91
C ALA B 172 -4.32 7.19 18.31
N CYS B 173 -5.14 6.86 19.32
CA CYS B 173 -4.63 6.81 20.69
C CYS B 173 -3.57 5.73 20.84
N THR B 174 -3.82 4.55 20.26
CA THR B 174 -2.83 3.48 20.41
C THR B 174 -1.51 3.84 19.74
N ALA B 175 -1.58 4.35 18.51
CA ALA B 175 -0.36 4.72 17.80
C ALA B 175 0.37 5.83 18.53
N MET B 176 -0.37 6.77 19.12
CA MET B 176 0.25 7.82 19.91
C MET B 176 0.99 7.25 21.11
N MET B 177 0.35 6.31 21.82
CA MET B 177 0.88 5.88 23.11
C MET B 177 1.96 4.81 23.01
N CYS B 178 2.14 4.16 21.86
CA CYS B 178 3.16 3.11 21.80
C CYS B 178 4.57 3.58 22.15
N PRO B 179 5.13 4.64 21.54
CA PRO B 179 6.52 4.99 21.85
C PRO B 179 6.74 5.38 23.29
N ILE B 180 5.75 5.99 23.94
CA ILE B 180 5.91 6.34 25.36
C ILE B 180 6.12 5.10 26.19
N ILE B 181 5.33 4.05 25.92
CA ILE B 181 5.50 2.78 26.61
C ILE B 181 6.90 2.24 26.36
N GLN B 182 7.37 2.34 25.11
CA GLN B 182 8.71 1.84 24.80
C GLN B 182 9.75 2.56 25.64
N ALA B 183 9.66 3.89 25.74
CA ALA B 183 10.64 4.66 26.49
C ALA B 183 10.60 4.32 27.96
N VAL B 184 9.40 4.16 28.52
CA VAL B 184 9.30 3.82 29.94
C VAL B 184 9.93 2.47 30.22
N LEU B 185 9.65 1.50 29.36
CA LEU B 185 10.25 0.18 29.54
C LEU B 185 11.77 0.26 29.45
N GLU B 186 12.30 1.05 28.52
CA GLU B 186 13.74 1.18 28.42
C GLU B 186 14.33 1.80 29.68
N GLU B 187 13.67 2.79 30.25
CA GLU B 187 14.16 3.38 31.49
C GLU B 187 14.19 2.35 32.61
N LEU B 188 13.10 1.58 32.75
CA LEU B 188 13.08 0.57 33.80
C LEU B 188 14.18 -0.46 33.61
N GLN B 189 14.43 -0.85 32.36
CA GLN B 189 15.53 -1.78 32.11
C GLN B 189 16.87 -1.15 32.49
N ALA B 190 17.04 0.14 32.19
CA ALA B 190 18.29 0.81 32.53
C ALA B 190 18.52 0.82 34.03
N GLN B 191 17.45 0.98 34.81
CA GLN B 191 17.59 0.88 36.26
C GLN B 191 17.89 -0.53 36.72
N GLY B 192 17.79 -1.53 35.84
CA GLY B 192 18.02 -2.91 36.22
C GLY B 192 16.83 -3.63 36.79
N VAL B 193 15.63 -3.04 36.70
CA VAL B 193 14.45 -3.63 37.32
C VAL B 193 14.02 -4.89 36.57
N CYS B 194 13.99 -4.84 35.24
CA CYS B 194 13.43 -5.92 34.46
C CYS B 194 14.07 -5.95 33.07
N LYS B 195 13.85 -7.04 32.36
CA LYS B 195 14.37 -7.24 31.01
C LYS B 195 13.21 -7.18 30.02
N ILE B 196 13.41 -6.43 28.93
CA ILE B 196 12.33 -6.24 27.96
C ILE B 196 12.05 -7.53 27.20
N ASN B 197 13.10 -8.21 26.74
CA ASN B 197 12.95 -9.33 25.83
C ASN B 197 13.62 -10.57 26.37
N HIS B 198 13.08 -11.73 25.99
CA HIS B 198 13.67 -13.00 26.36
C HIS B 198 14.98 -13.21 25.61
N GLU B 199 15.97 -13.75 26.31
CA GLU B 199 17.26 -13.98 25.69
C GLU B 199 17.16 -15.11 24.67
N PRO B 200 17.82 -14.98 23.51
CA PRO B 200 17.89 -16.02 22.48
C PRO B 200 18.32 -17.37 23.03
N ASP B 214 15.06 -14.26 10.59
CA ASP B 214 14.23 -15.30 11.18
C ASP B 214 13.30 -14.74 12.26
N GLU B 215 13.15 -15.48 13.34
CA GLU B 215 12.17 -15.12 14.36
C GLU B 215 12.63 -13.89 15.15
N PRO B 216 11.75 -12.92 15.37
CA PRO B 216 12.09 -11.77 16.21
C PRO B 216 12.13 -12.17 17.68
N PRO B 217 12.71 -11.35 18.54
CA PRO B 217 12.78 -11.72 19.96
C PRO B 217 11.41 -11.77 20.61
N TYR B 218 11.29 -12.65 21.60
CA TYR B 218 10.06 -12.77 22.35
C TYR B 218 9.96 -11.68 23.41
N PRO B 219 8.76 -11.22 23.73
CA PRO B 219 8.59 -10.22 24.79
C PRO B 219 8.44 -10.86 26.16
N THR B 220 8.93 -10.14 27.17
CA THR B 220 8.82 -10.57 28.55
C THR B 220 7.43 -10.23 29.08
N LYS B 221 7.09 -10.82 30.22
CA LYS B 221 5.75 -10.65 30.77
C LYS B 221 5.42 -9.19 31.02
N ILE B 222 6.41 -8.39 31.43
CA ILE B 222 6.17 -6.97 31.67
C ILE B 222 5.74 -6.29 30.38
N THR B 223 6.44 -6.60 29.28
CA THR B 223 6.11 -6.00 28.00
C THR B 223 4.70 -6.34 27.57
N LEU B 224 4.32 -7.62 27.71
CA LEU B 224 2.97 -8.02 27.36
C LEU B 224 1.94 -7.30 28.21
N CYS B 225 2.20 -7.21 29.51
CA CYS B 225 1.29 -6.51 30.40
C CYS B 225 1.06 -5.08 29.93
N TYR B 226 2.14 -4.34 29.69
CA TYR B 226 2.01 -2.94 29.34
C TYR B 226 1.30 -2.76 27.99
N TYR B 227 1.72 -3.50 26.97
CA TYR B 227 1.16 -3.27 25.65
C TYR B 227 -0.29 -3.72 25.57
N LEU B 228 -0.61 -4.90 26.10
CA LEU B 228 -1.99 -5.34 26.11
C LEU B 228 -2.84 -4.40 26.96
N GLY B 229 -2.29 -3.85 28.03
CA GLY B 229 -3.03 -2.86 28.79
C GLY B 229 -3.38 -1.65 27.94
N ILE B 230 -2.42 -1.16 27.16
CA ILE B 230 -2.69 0.00 26.30
C ILE B 230 -3.80 -0.31 25.32
N ALA B 231 -3.71 -1.46 24.64
CA ALA B 231 -4.71 -1.79 23.63
C ALA B 231 -6.09 -1.96 24.24
N TYR B 232 -6.18 -2.74 25.32
CA TYR B 232 -7.46 -2.97 25.95
C TYR B 232 -8.03 -1.68 26.52
N ALA B 233 -7.18 -0.81 27.05
CA ALA B 233 -7.67 0.45 27.57
C ALA B 233 -8.28 1.30 26.47
N SER B 234 -7.63 1.36 25.31
CA SER B 234 -8.22 2.10 24.20
C SER B 234 -9.58 1.54 23.83
N SER B 235 -9.66 0.22 23.66
CA SER B 235 -10.91 -0.40 23.24
C SER B 235 -12.01 -0.15 24.27
N LEU B 236 -11.68 -0.23 25.56
CA LEU B 236 -12.69 -0.07 26.59
C LEU B 236 -13.14 1.37 26.71
N GLY B 237 -12.21 2.32 26.70
CA GLY B 237 -12.57 3.72 26.84
C GLY B 237 -13.29 4.27 25.64
N GLY B 238 -13.18 3.63 24.48
CA GLY B 238 -13.93 4.09 23.33
C GLY B 238 -15.43 4.11 23.53
N CYS B 239 -15.94 3.27 24.41
CA CYS B 239 -17.39 3.12 24.57
C CYS B 239 -18.03 4.22 25.40
N GLY B 240 -17.24 5.13 25.96
CA GLY B 240 -17.80 6.11 26.88
C GLY B 240 -18.74 7.11 26.22
N THR B 241 -18.41 7.55 25.01
CA THR B 241 -19.09 8.67 24.38
C THR B 241 -19.40 8.34 22.93
N ILE B 242 -20.49 8.92 22.42
CA ILE B 242 -20.88 8.68 21.03
C ILE B 242 -19.83 9.18 20.06
N ILE B 243 -18.92 10.06 20.51
CA ILE B 243 -17.79 10.46 19.67
C ILE B 243 -16.64 9.48 19.74
N GLY B 244 -16.67 8.55 20.70
CA GLY B 244 -15.52 7.70 20.94
C GLY B 244 -15.18 6.81 19.77
N THR B 245 -16.20 6.24 19.11
CA THR B 245 -15.96 5.29 18.05
C THR B 245 -17.09 5.35 17.04
N ALA B 246 -16.83 4.82 15.84
CA ALA B 246 -17.80 4.90 14.76
C ALA B 246 -19.00 3.99 15.01
N THR B 247 -18.82 2.92 15.79
CA THR B 247 -19.92 2.00 16.04
C THR B 247 -21.07 2.71 16.74
N ASN B 248 -20.75 3.58 17.69
CA ASN B 248 -21.79 4.30 18.42
C ASN B 248 -22.61 5.16 17.48
N LEU B 249 -21.95 5.92 16.61
CA LEU B 249 -22.67 6.73 15.63
C LEU B 249 -23.50 5.86 14.71
N THR B 250 -22.96 4.71 14.30
CA THR B 250 -23.67 3.84 13.37
C THR B 250 -24.99 3.37 13.98
N PHE B 251 -24.94 2.79 15.17
CA PHE B 251 -26.19 2.25 15.68
C PHE B 251 -27.11 3.33 16.22
N LYS B 252 -26.57 4.48 16.65
CA LYS B 252 -27.44 5.59 17.00
C LYS B 252 -28.22 6.08 15.77
N GLY B 253 -27.52 6.21 14.64
CA GLY B 253 -28.20 6.62 13.42
C GLY B 253 -29.23 5.62 12.97
N ILE B 254 -28.91 4.32 13.07
CA ILE B 254 -29.87 3.30 12.68
C ILE B 254 -31.12 3.39 13.55
N TYR B 255 -30.94 3.54 14.86
CA TYR B 255 -32.08 3.62 15.76
C TYR B 255 -32.92 4.85 15.46
N GLU B 256 -32.28 6.00 15.24
CA GLU B 256 -33.04 7.21 14.97
C GLU B 256 -33.80 7.12 13.67
N ALA B 257 -33.17 6.57 12.62
CA ALA B 257 -33.85 6.47 11.34
C ALA B 257 -35.03 5.50 11.40
N ARG B 258 -34.82 4.33 11.99
CA ARG B 258 -35.88 3.33 12.02
C ARG B 258 -37.05 3.80 12.88
N PHE B 259 -36.76 4.32 14.06
CA PHE B 259 -37.79 4.78 15.00
C PHE B 259 -37.73 6.29 15.13
N LYS B 260 -38.77 6.96 14.66
CA LYS B 260 -39.00 8.37 14.96
C LYS B 260 -40.22 8.47 15.85
N ASN B 261 -40.51 9.69 16.29
CA ASN B 261 -41.66 9.94 17.16
C ASN B 261 -41.57 9.09 18.42
N SER B 262 -40.35 8.95 18.94
CA SER B 262 -40.07 8.16 20.13
C SER B 262 -39.71 9.07 21.29
N THR B 263 -40.28 8.80 22.46
CA THR B 263 -40.06 9.67 23.61
C THR B 263 -38.60 9.64 24.06
N GLU B 264 -38.02 8.45 24.16
CA GLU B 264 -36.64 8.35 24.62
C GLU B 264 -35.68 8.91 23.57
N GLN B 265 -34.62 9.54 24.05
CA GLN B 265 -33.64 10.19 23.18
C GLN B 265 -32.25 9.71 23.54
N MET B 266 -31.44 9.44 22.52
CA MET B 266 -30.03 9.15 22.73
C MET B 266 -29.19 10.42 22.56
N ASP B 267 -29.52 11.40 23.38
CA ASP B 267 -28.84 12.67 23.35
C ASP B 267 -27.40 12.51 23.83
N PHE B 268 -26.58 13.51 23.53
CA PHE B 268 -25.17 13.44 23.92
C PHE B 268 -24.96 13.34 25.42
N PRO B 269 -25.59 14.17 26.27
CA PRO B 269 -25.38 13.99 27.71
C PRO B 269 -26.01 12.72 28.25
N THR B 270 -27.17 12.32 27.73
CA THR B 270 -27.85 11.15 28.25
C THR B 270 -27.02 9.89 28.03
N PHE B 271 -26.40 9.76 26.85
CA PHE B 271 -25.59 8.58 26.57
C PHE B 271 -24.41 8.49 27.52
N MET B 272 -23.73 9.61 27.74
CA MET B 272 -22.61 9.63 28.68
C MET B 272 -23.08 9.27 30.08
N PHE B 273 -24.20 9.83 30.51
CA PHE B 273 -24.77 9.52 31.82
C PHE B 273 -25.06 8.04 31.95
N TYR B 274 -25.50 7.41 30.87
CA TYR B 274 -25.82 5.99 30.91
C TYR B 274 -24.57 5.12 30.90
N SER B 275 -23.51 5.56 30.22
CA SER B 275 -22.40 4.67 29.93
C SER B 275 -21.20 4.79 30.86
N VAL B 276 -20.96 5.96 31.44
CA VAL B 276 -19.68 6.17 32.15
C VAL B 276 -19.46 5.23 33.32
N PRO B 277 -20.41 5.06 34.27
CA PRO B 277 -20.10 4.25 35.45
C PRO B 277 -19.66 2.83 35.15
N SER B 278 -20.32 2.18 34.19
CA SER B 278 -19.90 0.84 33.80
C SER B 278 -18.49 0.87 33.25
N MET B 279 -18.19 1.86 32.39
CA MET B 279 -16.85 2.00 31.84
C MET B 279 -15.82 2.00 32.95
N LEU B 280 -16.05 2.84 33.98
CA LEU B 280 -15.08 2.91 35.08
C LEU B 280 -14.95 1.56 35.77
N VAL B 281 -16.08 0.90 36.05
CA VAL B 281 -16.03 -0.32 36.85
C VAL B 281 -15.25 -1.41 36.13
N TYR B 282 -15.59 -1.69 34.88
CA TYR B 282 -14.83 -2.76 34.23
C TYR B 282 -13.46 -2.33 33.73
N THR B 283 -13.17 -1.03 33.63
CA THR B 283 -11.78 -0.64 33.41
C THR B 283 -10.92 -0.99 34.62
N LEU B 284 -11.38 -0.65 35.82
CA LEU B 284 -10.64 -1.02 37.03
C LEU B 284 -10.50 -2.53 37.15
N LEU B 285 -11.58 -3.26 36.89
CA LEU B 285 -11.50 -4.71 37.01
C LEU B 285 -10.53 -5.31 36.00
N THR B 286 -10.51 -4.78 34.78
CA THR B 286 -9.55 -5.25 33.79
C THR B 286 -8.13 -4.99 34.24
N PHE B 287 -7.87 -3.81 34.81
CA PHE B 287 -6.53 -3.51 35.30
C PHE B 287 -6.11 -4.50 36.39
N VAL B 288 -7.02 -4.78 37.32
CA VAL B 288 -6.69 -5.72 38.39
C VAL B 288 -6.42 -7.11 37.84
N PHE B 289 -7.22 -7.56 36.87
CA PHE B 289 -6.99 -8.87 36.29
C PHE B 289 -5.64 -8.94 35.60
N LEU B 290 -5.29 -7.89 34.83
CA LEU B 290 -4.01 -7.91 34.16
C LEU B 290 -2.87 -7.95 35.16
N GLN B 291 -2.98 -7.20 36.26
CA GLN B 291 -1.94 -7.27 37.28
C GLN B 291 -1.83 -8.67 37.87
N TRP B 292 -2.96 -9.31 38.12
CA TRP B 292 -2.92 -10.65 38.71
C TRP B 292 -2.30 -11.66 37.76
N HIS B 293 -2.63 -11.57 36.46
CA HIS B 293 -2.20 -12.61 35.53
C HIS B 293 -0.69 -12.59 35.30
N PHE B 294 -0.10 -11.40 35.19
CA PHE B 294 1.30 -11.29 34.82
C PHE B 294 2.23 -10.93 35.98
N MET B 295 1.79 -10.11 36.92
CA MET B 295 2.66 -9.61 37.98
C MET B 295 2.48 -10.33 39.31
N GLY B 296 1.61 -11.34 39.38
CA GLY B 296 1.41 -12.06 40.62
C GLY B 296 0.94 -11.18 41.76
N LEU B 297 -0.14 -10.44 41.55
CA LEU B 297 -0.56 -9.43 42.52
C LEU B 297 -0.90 -10.06 43.86
N TRP B 298 -1.77 -11.05 43.87
CA TRP B 298 -2.20 -11.67 45.12
C TRP B 298 -1.30 -12.80 45.57
N ARG B 299 -0.38 -13.26 44.72
CA ARG B 299 0.47 -14.39 45.07
C ARG B 299 1.87 -13.89 45.37
N PRO B 300 2.31 -13.91 46.63
CA PRO B 300 3.70 -13.55 46.94
C PRO B 300 4.68 -14.70 46.77
N LYS B 301 4.23 -15.85 46.25
CA LYS B 301 5.14 -16.98 46.06
C LYS B 301 6.13 -16.72 44.93
N SER B 302 5.64 -16.24 43.79
CA SER B 302 6.47 -16.05 42.60
C SER B 302 6.16 -14.71 41.97
N LYS B 303 7.15 -14.16 41.26
CA LYS B 303 7.11 -12.91 40.50
C LYS B 303 7.02 -11.68 41.39
N GLU B 304 6.88 -11.83 42.72
CA GLU B 304 6.84 -10.67 43.60
C GLU B 304 8.22 -10.04 43.76
N ALA B 305 9.27 -10.77 43.39
CA ALA B 305 10.63 -10.31 43.67
C ALA B 305 10.93 -9.00 42.98
N GLN B 306 10.52 -8.87 41.72
CA GLN B 306 10.85 -7.67 40.94
C GLN B 306 10.23 -6.43 41.53
N GLU B 307 8.94 -6.48 41.82
CA GLU B 307 8.23 -5.30 42.32
C GLU B 307 8.73 -4.89 43.70
N VAL B 308 8.92 -5.85 44.60
CA VAL B 308 9.42 -5.53 45.93
C VAL B 308 10.84 -4.99 45.85
N GLN B 309 11.66 -5.58 44.99
CA GLN B 309 13.03 -5.11 44.82
C GLN B 309 13.05 -3.67 44.31
N ARG B 310 12.17 -3.34 43.36
CA ARG B 310 12.07 -1.95 42.91
C ARG B 310 11.56 -1.04 44.02
N GLY B 311 10.59 -1.51 44.81
CA GLY B 311 10.05 -0.68 45.87
C GLY B 311 11.07 -0.33 46.93
N ARG B 312 11.95 -1.28 47.25
CA ARG B 312 12.95 -1.05 48.29
C ARG B 312 13.96 0.02 47.88
N GLU B 313 14.48 -0.07 46.65
CA GLU B 313 15.50 0.87 46.20
C GLU B 313 14.92 2.11 45.54
N GLY B 314 13.62 2.15 45.29
CA GLY B 314 13.05 3.29 44.58
C GLY B 314 13.06 4.57 45.40
N ALA B 315 13.11 4.44 46.73
CA ALA B 315 12.93 5.60 47.60
C ALA B 315 14.03 6.63 47.39
N ASP B 316 15.28 6.18 47.25
CA ASP B 316 16.42 7.09 47.22
C ASP B 316 17.20 7.05 45.91
N VAL B 317 17.65 5.87 45.48
CA VAL B 317 18.49 5.80 44.28
C VAL B 317 17.74 6.29 43.06
N ALA B 318 16.49 5.84 42.88
CA ALA B 318 15.73 6.24 41.71
C ALA B 318 15.51 7.75 41.68
N LYS B 319 15.16 8.34 42.83
CA LYS B 319 14.95 9.77 42.87
C LYS B 319 16.24 10.52 42.57
N LYS B 320 17.37 10.02 43.07
CA LYS B 320 18.64 10.71 42.84
C LYS B 320 19.07 10.60 41.38
N VAL B 321 18.70 9.52 40.71
CA VAL B 321 19.21 9.28 39.35
C VAL B 321 18.31 9.90 38.29
N ILE B 322 16.99 9.80 38.46
CA ILE B 322 16.07 10.22 37.39
C ILE B 322 16.20 11.71 37.12
N ASP B 323 16.25 12.52 38.17
CA ASP B 323 16.35 13.96 37.98
C ASP B 323 17.65 14.34 37.29
N GLN B 324 18.76 13.69 37.64
CA GLN B 324 20.02 13.95 36.95
C GLN B 324 19.92 13.58 35.48
N ARG B 325 19.32 12.44 35.18
CA ARG B 325 19.17 12.05 33.79
C ARG B 325 18.33 13.06 33.03
N TYR B 326 17.28 13.59 33.67
CA TYR B 326 16.48 14.64 33.05
C TYR B 326 17.32 15.88 32.79
N LYS B 327 18.15 16.28 33.75
CA LYS B 327 19.02 17.43 33.55
C LYS B 327 19.97 17.21 32.38
N ASP B 328 20.40 15.97 32.16
CA ASP B 328 21.36 15.70 31.10
C ASP B 328 20.78 15.92 29.71
N LEU B 329 19.45 15.97 29.57
CA LEU B 329 18.87 16.18 28.24
C LEU B 329 19.07 17.61 27.76
N GLY B 330 19.09 18.58 28.66
CA GLY B 330 19.22 19.96 28.29
C GLY B 330 17.88 20.57 27.93
N PRO B 331 17.86 21.87 27.65
CA PRO B 331 16.59 22.53 27.31
C PRO B 331 16.04 22.01 25.99
N MET B 332 14.72 22.04 25.88
CA MET B 332 14.06 21.50 24.70
C MET B 332 14.41 22.32 23.47
N SER B 333 14.75 21.64 22.38
CA SER B 333 15.23 22.29 21.18
C SER B 333 14.09 22.62 20.22
N ILE B 334 14.43 23.37 19.17
CA ILE B 334 13.42 23.83 18.22
C ILE B 334 12.83 22.67 17.43
N HIS B 335 13.64 21.65 17.17
CA HIS B 335 13.17 20.44 16.50
C HIS B 335 11.93 19.87 17.20
N GLU B 336 12.05 19.66 18.50
CA GLU B 336 10.95 19.06 19.26
C GLU B 336 9.77 20.00 19.37
N ILE B 337 10.02 21.31 19.46
CA ILE B 337 8.91 22.26 19.52
C ILE B 337 8.07 22.19 18.26
N GLN B 338 8.73 22.16 17.10
CA GLN B 338 7.97 22.07 15.86
C GLN B 338 7.19 20.76 15.77
N VAL B 339 7.82 19.65 16.15
CA VAL B 339 7.11 18.38 16.06
C VAL B 339 5.89 18.39 16.99
N MET B 340 6.06 18.91 18.21
CA MET B 340 4.96 18.94 19.16
C MET B 340 3.82 19.82 18.66
N ILE B 341 4.14 20.98 18.09
CA ILE B 341 3.09 21.85 17.57
C ILE B 341 2.32 21.15 16.46
N LEU B 342 3.02 20.48 15.56
CA LEU B 342 2.33 19.78 14.48
C LEU B 342 1.41 18.70 15.04
N PHE B 343 1.88 17.95 16.03
CA PHE B 343 1.05 16.88 16.59
C PHE B 343 -0.21 17.45 17.24
N ILE B 344 -0.06 18.51 18.02
CA ILE B 344 -1.21 19.12 18.68
C ILE B 344 -2.21 19.60 17.64
N PHE B 345 -1.72 20.21 16.58
CA PHE B 345 -2.61 20.67 15.52
C PHE B 345 -3.37 19.52 14.90
N MET B 346 -2.69 18.39 14.67
CA MET B 346 -3.36 17.24 14.09
C MET B 346 -4.48 16.75 14.98
N VAL B 347 -4.22 16.65 16.29
CA VAL B 347 -5.25 16.14 17.20
C VAL B 347 -6.44 17.11 17.24
N VAL B 348 -6.17 18.41 17.30
CA VAL B 348 -7.25 19.38 17.34
C VAL B 348 -8.09 19.29 16.08
N MET B 349 -7.46 19.11 14.92
CA MET B 349 -8.22 18.94 13.69
C MET B 349 -9.08 17.69 13.74
N TYR B 350 -8.55 16.60 14.32
CA TYR B 350 -9.36 15.40 14.48
C TYR B 350 -10.62 15.69 15.29
N PHE B 351 -10.47 16.41 16.39
CA PHE B 351 -11.58 16.57 17.32
C PHE B 351 -12.68 17.46 16.74
N THR B 352 -12.33 18.50 16.00
CA THR B 352 -13.27 19.55 15.64
C THR B 352 -13.95 19.34 14.29
N ARG B 353 -13.84 18.15 13.71
CA ARG B 353 -14.54 17.86 12.45
C ARG B 353 -15.89 17.25 12.77
N LYS B 354 -16.96 18.01 12.57
CA LYS B 354 -18.33 17.55 12.81
C LYS B 354 -18.49 16.92 14.20
N PRO B 355 -18.24 17.66 15.27
CA PRO B 355 -18.39 17.07 16.61
C PRO B 355 -19.83 16.79 16.98
N GLY B 356 -20.79 17.46 16.35
CA GLY B 356 -22.19 17.25 16.63
C GLY B 356 -22.79 18.17 17.68
N ILE B 357 -21.95 18.80 18.51
CA ILE B 357 -22.42 19.73 19.52
C ILE B 357 -22.10 21.17 19.17
N PHE B 358 -21.38 21.41 18.08
CA PHE B 358 -21.21 22.74 17.52
C PHE B 358 -20.75 22.58 16.08
N LEU B 359 -20.64 23.71 15.38
CA LEU B 359 -20.28 23.68 13.97
C LEU B 359 -18.87 23.15 13.79
N GLY B 360 -18.67 22.32 12.76
CA GLY B 360 -17.37 21.76 12.47
C GLY B 360 -16.84 22.23 11.13
N TRP B 361 -15.53 22.13 10.92
CA TRP B 361 -14.95 22.63 9.69
C TRP B 361 -15.37 21.81 8.47
N ALA B 362 -15.89 20.60 8.67
CA ALA B 362 -16.42 19.85 7.53
C ALA B 362 -17.71 20.46 7.01
N ASP B 363 -18.45 21.17 7.88
CA ASP B 363 -19.65 21.85 7.42
C ASP B 363 -19.30 22.96 6.44
N LEU B 364 -18.24 23.71 6.71
CA LEU B 364 -17.64 24.53 5.68
C LEU B 364 -16.94 23.64 4.67
N LEU B 365 -16.74 24.17 3.46
CA LEU B 365 -16.10 23.42 2.39
C LEU B 365 -16.85 22.12 2.12
N ASN B 366 -18.17 22.21 2.03
CA ASN B 366 -19.02 21.04 1.86
C ASN B 366 -19.27 20.70 0.41
N SER B 367 -18.52 21.29 -0.52
CA SER B 367 -18.70 20.96 -1.93
C SER B 367 -18.42 19.47 -2.18
N LYS B 368 -17.38 18.94 -1.54
CA LYS B 368 -17.07 17.52 -1.60
C LYS B 368 -16.83 17.01 -0.18
N ASP B 369 -17.14 15.74 0.03
CA ASP B 369 -17.01 15.15 1.37
C ASP B 369 -15.53 14.99 1.72
N ILE B 370 -15.10 15.68 2.77
CA ILE B 370 -13.72 15.59 3.25
C ILE B 370 -13.72 14.78 4.54
N ARG B 371 -12.83 13.80 4.61
CA ARG B 371 -12.73 12.94 5.76
C ARG B 371 -11.39 13.17 6.47
N ASN B 372 -11.11 12.34 7.46
CA ASN B 372 -10.00 12.61 8.38
C ASN B 372 -8.62 12.37 7.79
N SER B 373 -8.52 11.83 6.58
CA SER B 373 -7.20 11.58 6.02
C SER B 373 -6.50 12.87 5.61
N MET B 374 -7.23 13.95 5.39
CA MET B 374 -6.60 15.19 4.95
C MET B 374 -5.61 15.75 5.97
N PRO B 375 -5.98 15.97 7.23
CA PRO B 375 -4.98 16.54 8.16
C PRO B 375 -3.77 15.66 8.36
N THR B 376 -3.94 14.35 8.35
CA THR B 376 -2.83 13.45 8.62
C THR B 376 -1.77 13.54 7.53
N ILE B 377 -2.19 13.43 6.27
CA ILE B 377 -1.24 13.55 5.17
C ILE B 377 -0.68 14.96 5.09
N PHE B 378 -1.49 15.97 5.44
CA PHE B 378 -0.95 17.32 5.48
C PHE B 378 0.22 17.41 6.44
N VAL B 379 0.07 16.83 7.63
CA VAL B 379 1.15 16.85 8.61
C VAL B 379 2.35 16.07 8.10
N VAL B 380 2.10 14.93 7.46
CA VAL B 380 3.21 14.10 6.99
C VAL B 380 4.05 14.87 5.97
N VAL B 381 3.39 15.54 5.02
CA VAL B 381 4.13 16.34 4.05
C VAL B 381 4.84 17.51 4.73
N MET B 382 4.15 18.17 5.65
CA MET B 382 4.76 19.32 6.32
C MET B 382 6.01 18.92 7.09
N CYS B 383 6.07 17.68 7.56
CA CYS B 383 7.28 17.21 8.24
C CYS B 383 8.49 17.26 7.31
N PHE B 384 8.30 16.86 6.05
CA PHE B 384 9.40 16.91 5.10
C PHE B 384 9.70 18.32 4.64
N MET B 385 8.68 19.18 4.53
CA MET B 385 8.93 20.51 3.98
C MET B 385 9.74 21.39 4.92
N LEU B 386 9.47 21.31 6.21
CA LEU B 386 10.06 22.24 7.17
C LEU B 386 11.51 21.90 7.48
N PRO B 387 12.32 22.90 7.85
CA PRO B 387 13.70 22.62 8.25
C PRO B 387 13.81 22.29 9.73
N ALA B 388 15.03 22.11 10.23
CA ALA B 388 15.24 21.71 11.61
C ALA B 388 16.13 22.63 12.42
N ASN B 389 16.75 23.63 11.81
CA ASN B 389 17.70 24.47 12.54
C ASN B 389 17.30 25.93 12.59
N TYR B 390 16.97 26.53 11.45
CA TYR B 390 16.82 27.98 11.32
C TYR B 390 18.12 28.72 11.64
N ALA B 391 19.25 28.02 11.62
CA ALA B 391 20.54 28.65 11.85
C ALA B 391 21.05 29.39 10.63
N PHE B 392 20.47 29.14 9.46
CA PHE B 392 20.95 29.77 8.24
C PHE B 392 20.57 31.24 8.15
N LEU B 393 19.69 31.73 9.03
CA LEU B 393 19.28 33.13 8.96
C LEU B 393 20.43 34.08 9.25
N ARG B 394 21.55 33.57 9.76
CA ARG B 394 22.69 34.42 10.06
C ARG B 394 23.22 35.14 8.84
N TYR B 395 22.93 34.64 7.63
CA TYR B 395 23.27 35.39 6.43
C TYR B 395 22.49 36.69 6.36
N CYS B 396 21.17 36.62 6.49
CA CYS B 396 20.35 37.81 6.36
C CYS B 396 20.48 38.71 7.58
N THR B 397 20.44 38.14 8.78
CA THR B 397 20.58 38.95 9.98
C THR B 397 21.99 39.48 10.15
N ARG B 398 22.99 38.74 9.68
CA ARG B 398 24.40 39.12 9.75
C ARG B 398 24.89 39.20 11.20
N ARG B 399 24.02 38.86 12.15
CA ARG B 399 24.40 38.89 13.55
C ARG B 399 25.24 37.68 13.96
N GLY B 400 25.01 36.53 13.33
CA GLY B 400 25.68 35.31 13.73
C GLY B 400 26.93 35.04 12.91
N GLY B 401 27.93 34.45 13.56
CA GLY B 401 29.19 34.14 12.93
C GLY B 401 29.20 32.84 12.14
N PRO B 402 28.98 31.72 12.82
CA PRO B 402 29.08 30.42 12.14
C PRO B 402 28.03 30.25 11.07
N VAL B 403 28.37 29.45 10.06
CA VAL B 403 27.46 29.18 8.95
C VAL B 403 27.30 27.66 8.82
N PRO B 404 26.16 27.18 8.31
CA PRO B 404 25.93 25.73 8.29
C PRO B 404 26.93 24.94 7.44
N THR B 405 27.43 25.52 6.35
CA THR B 405 28.33 24.85 5.41
C THR B 405 27.71 23.61 4.77
N GLY B 406 26.38 23.56 4.68
CA GLY B 406 25.71 22.44 4.04
C GLY B 406 24.21 22.57 4.12
N PRO B 407 23.49 21.76 3.36
CA PRO B 407 22.03 21.78 3.42
C PRO B 407 21.54 21.38 4.81
N THR B 408 20.50 22.06 5.26
CA THR B 408 19.94 21.80 6.58
C THR B 408 18.99 20.62 6.51
N PRO B 409 19.16 19.61 7.36
CA PRO B 409 18.27 18.44 7.30
C PRO B 409 16.86 18.80 7.72
N SER B 410 15.91 18.00 7.24
CA SER B 410 14.50 18.22 7.52
C SER B 410 14.13 17.51 8.83
N LEU B 411 12.82 17.44 9.10
CA LEU B 411 12.37 16.87 10.38
C LEU B 411 12.48 15.35 10.40
N ILE B 412 12.44 14.70 9.24
CA ILE B 412 12.48 13.25 9.15
C ILE B 412 13.07 12.87 7.80
N THR B 413 13.49 11.61 7.68
CA THR B 413 14.10 11.12 6.45
C THR B 413 13.34 9.88 5.98
N TRP B 414 13.21 9.74 4.65
CA TRP B 414 12.43 8.63 4.11
C TRP B 414 13.05 7.29 4.44
N LYS B 415 14.38 7.22 4.52
CA LYS B 415 15.03 5.96 4.86
C LYS B 415 14.57 5.47 6.22
N PHE B 416 14.36 6.39 7.16
CA PHE B 416 13.86 6.01 8.47
C PHE B 416 12.44 5.47 8.37
N ILE B 417 11.60 6.10 7.55
CA ILE B 417 10.20 5.67 7.45
C ILE B 417 10.11 4.28 6.83
N GLN B 418 10.91 4.00 5.80
CA GLN B 418 10.84 2.68 5.19
C GLN B 418 11.26 1.59 6.16
N THR B 419 12.28 1.84 6.96
CA THR B 419 12.86 0.79 7.79
C THR B 419 11.91 0.37 8.90
N LYS B 420 11.13 1.31 9.45
CA LYS B 420 10.40 1.05 10.68
C LYS B 420 8.92 0.75 10.49
N VAL B 421 8.28 1.30 9.47
CA VAL B 421 6.83 1.11 9.32
C VAL B 421 6.54 -0.36 9.05
N PRO B 422 5.58 -0.97 9.74
CA PRO B 422 5.22 -2.36 9.44
C PRO B 422 4.29 -2.45 8.24
N TRP B 423 4.85 -2.50 7.04
CA TRP B 423 4.05 -2.35 5.82
C TRP B 423 3.07 -3.49 5.62
N GLY B 424 3.20 -4.59 6.36
CA GLY B 424 2.26 -5.68 6.19
C GLY B 424 0.84 -5.36 6.60
N LEU B 425 0.65 -4.34 7.44
CA LEU B 425 -0.68 -4.04 7.95
C LEU B 425 -1.65 -3.66 6.84
N VAL B 426 -1.14 -3.18 5.71
CA VAL B 426 -2.00 -2.79 4.60
C VAL B 426 -2.87 -3.96 4.18
N PHE B 427 -2.26 -5.12 3.97
CA PHE B 427 -3.01 -6.27 3.51
C PHE B 427 -3.99 -6.76 4.55
N LEU B 428 -3.60 -6.74 5.83
CA LEU B 428 -4.50 -7.24 6.87
C LEU B 428 -5.76 -6.38 6.98
N LEU B 429 -5.59 -5.07 7.10
CA LEU B 429 -6.75 -4.21 7.24
C LEU B 429 -7.59 -4.17 5.97
N GLY B 430 -6.94 -4.13 4.81
CA GLY B 430 -7.68 -4.21 3.56
C GLY B 430 -8.45 -5.51 3.44
N GLY B 431 -7.87 -6.61 3.90
CA GLY B 431 -8.58 -7.86 3.87
C GLY B 431 -9.83 -7.82 4.72
N GLY B 432 -9.74 -7.19 5.89
CA GLY B 432 -10.94 -7.03 6.70
C GLY B 432 -12.03 -6.26 5.97
N PHE B 433 -11.67 -5.11 5.38
CA PHE B 433 -12.66 -4.30 4.70
C PHE B 433 -13.27 -5.05 3.51
N ALA B 434 -12.41 -5.67 2.69
CA ALA B 434 -12.89 -6.35 1.50
C ALA B 434 -13.77 -7.53 1.86
N LEU B 435 -13.41 -8.26 2.91
CA LEU B 435 -14.23 -9.39 3.32
C LEU B 435 -15.60 -8.93 3.78
N ALA B 436 -15.66 -7.82 4.52
CA ALA B 436 -16.96 -7.29 4.94
C ALA B 436 -17.80 -6.91 3.73
N GLU B 437 -17.22 -6.20 2.77
CA GLU B 437 -17.98 -5.78 1.60
C GLU B 437 -18.46 -6.97 0.77
N GLY B 438 -17.60 -7.96 0.59
CA GLY B 438 -18.00 -9.14 -0.14
C GLY B 438 -19.12 -9.89 0.56
N SER B 439 -19.08 -9.95 1.89
CA SER B 439 -20.15 -10.58 2.62
C SER B 439 -21.47 -9.82 2.43
N LYS B 440 -21.38 -8.50 2.35
CA LYS B 440 -22.59 -7.73 2.01
C LYS B 440 -23.12 -8.13 0.66
N GLN B 441 -22.27 -8.15 -0.36
CA GLN B 441 -22.76 -8.29 -1.73
C GLN B 441 -23.23 -9.71 -2.02
N SER B 442 -22.55 -10.72 -1.48
CA SER B 442 -22.90 -12.08 -1.84
C SER B 442 -24.26 -12.50 -1.30
N GLY B 443 -24.66 -11.97 -0.15
CA GLY B 443 -25.92 -12.34 0.46
C GLY B 443 -25.83 -13.13 1.74
N MET B 444 -24.64 -13.27 2.32
CA MET B 444 -24.49 -14.04 3.55
C MET B 444 -24.99 -13.27 4.77
N ALA B 445 -24.86 -11.94 4.76
CA ALA B 445 -25.34 -11.15 5.89
C ALA B 445 -26.83 -11.33 6.09
N LYS B 446 -27.59 -11.28 4.99
CA LYS B 446 -29.03 -11.54 5.08
C LYS B 446 -29.30 -12.93 5.62
N LEU B 447 -28.47 -13.90 5.25
CA LEU B 447 -28.63 -15.26 5.75
C LEU B 447 -28.50 -15.30 7.27
N ILE B 448 -27.44 -14.68 7.81
CA ILE B 448 -27.27 -14.68 9.26
C ILE B 448 -28.42 -13.94 9.93
N GLY B 449 -28.81 -12.80 9.38
CA GLY B 449 -29.90 -12.05 9.99
C GLY B 449 -31.18 -12.85 10.06
N ASN B 450 -31.55 -13.52 8.97
CA ASN B 450 -32.73 -14.36 8.99
C ASN B 450 -32.53 -15.57 9.91
N ALA B 451 -31.29 -16.00 10.11
CA ALA B 451 -31.05 -17.11 11.03
C ALA B 451 -31.35 -16.72 12.47
N LEU B 452 -30.97 -15.50 12.87
CA LEU B 452 -31.13 -15.12 14.27
C LEU B 452 -32.58 -14.97 14.70
N ILE B 453 -33.52 -14.89 13.76
CA ILE B 453 -34.90 -14.58 14.10
C ILE B 453 -35.56 -15.66 14.95
N GLY B 454 -34.95 -16.83 15.07
CA GLY B 454 -35.57 -17.91 15.79
C GLY B 454 -35.47 -17.85 17.29
N LEU B 455 -34.96 -16.76 17.85
CA LEU B 455 -34.73 -16.65 19.29
C LEU B 455 -35.92 -16.04 20.03
N LYS B 456 -37.09 -15.94 19.39
CA LYS B 456 -38.24 -15.32 20.03
C LYS B 456 -38.74 -16.13 21.22
N VAL B 457 -38.44 -17.42 21.29
CA VAL B 457 -39.05 -18.28 22.30
C VAL B 457 -38.51 -17.97 23.69
N LEU B 458 -37.26 -17.54 23.79
CA LEU B 458 -36.60 -17.44 25.09
C LEU B 458 -37.22 -16.34 25.95
N PRO B 459 -37.14 -16.46 27.27
CA PRO B 459 -37.55 -15.36 28.16
C PRO B 459 -36.60 -14.18 28.05
N ASN B 460 -37.01 -13.07 28.67
CA ASN B 460 -36.37 -11.78 28.41
C ASN B 460 -34.91 -11.77 28.84
N SER B 461 -34.63 -12.14 30.10
CA SER B 461 -33.26 -12.06 30.59
C SER B 461 -32.35 -13.01 29.84
N VAL B 462 -32.80 -14.25 29.62
CA VAL B 462 -32.02 -15.20 28.85
C VAL B 462 -31.80 -14.68 27.43
N LEU B 463 -32.83 -14.05 26.86
CA LEU B 463 -32.69 -13.48 25.52
C LEU B 463 -31.60 -12.41 25.49
N LEU B 464 -31.60 -11.53 26.49
CA LEU B 464 -30.59 -10.48 26.54
C LEU B 464 -29.18 -11.06 26.65
N LEU B 465 -29.02 -12.05 27.52
CA LEU B 465 -27.70 -12.66 27.68
C LEU B 465 -27.25 -13.33 26.39
N VAL B 466 -28.14 -14.07 25.74
CA VAL B 466 -27.78 -14.75 24.50
C VAL B 466 -27.44 -13.74 23.42
N VAL B 467 -28.15 -12.62 23.38
CA VAL B 467 -27.85 -11.59 22.38
C VAL B 467 -26.45 -11.04 22.59
N ILE B 468 -26.09 -10.76 23.84
CA ILE B 468 -24.75 -10.24 24.11
C ILE B 468 -23.70 -11.25 23.68
N LEU B 469 -23.91 -12.52 24.03
CA LEU B 469 -22.93 -13.55 23.67
C LEU B 469 -22.78 -13.66 22.16
N VAL B 470 -23.90 -13.64 21.43
CA VAL B 470 -23.84 -13.76 19.98
C VAL B 470 -23.10 -12.58 19.38
N ALA B 471 -23.36 -11.38 19.89
CA ALA B 471 -22.67 -10.20 19.38
C ALA B 471 -21.17 -10.31 19.57
N VAL B 472 -20.74 -10.76 20.76
CA VAL B 472 -19.31 -10.90 21.01
C VAL B 472 -18.70 -11.92 20.06
N PHE B 473 -19.34 -13.07 19.93
CA PHE B 473 -18.78 -14.12 19.08
C PHE B 473 -18.66 -13.65 17.64
N LEU B 474 -19.68 -12.96 17.13
CA LEU B 474 -19.60 -12.48 15.76
C LEU B 474 -18.51 -11.44 15.59
N THR B 475 -18.42 -10.48 16.52
CA THR B 475 -17.43 -9.42 16.36
C THR B 475 -16.01 -9.90 16.57
N ALA B 476 -15.82 -11.12 17.08
CA ALA B 476 -14.46 -11.64 17.23
C ALA B 476 -13.73 -11.73 15.90
N PHE B 477 -14.46 -12.02 14.82
CA PHE B 477 -13.83 -12.33 13.53
C PHE B 477 -14.02 -11.27 12.47
N SER B 478 -14.58 -10.11 12.79
CA SER B 478 -14.92 -9.16 11.74
C SER B 478 -14.90 -7.74 12.26
N SER B 479 -15.13 -6.81 11.34
CA SER B 479 -15.18 -5.40 11.68
C SER B 479 -16.39 -5.10 12.55
N ASN B 480 -16.22 -4.17 13.48
CA ASN B 480 -17.31 -3.83 14.40
C ASN B 480 -18.49 -3.22 13.68
N VAL B 481 -18.24 -2.28 12.77
CA VAL B 481 -19.32 -1.57 12.09
C VAL B 481 -20.17 -2.54 11.27
N ALA B 482 -19.52 -3.47 10.57
CA ALA B 482 -20.24 -4.45 9.78
C ALA B 482 -21.14 -5.31 10.67
N ILE B 483 -20.62 -5.75 11.81
CA ILE B 483 -21.42 -6.57 12.71
C ILE B 483 -22.62 -5.80 13.22
N ALA B 484 -22.42 -4.53 13.58
CA ALA B 484 -23.54 -3.71 14.04
C ALA B 484 -24.61 -3.59 12.96
N ASN B 485 -24.19 -3.32 11.72
CA ASN B 485 -25.15 -3.22 10.63
C ASN B 485 -25.92 -4.51 10.45
N ILE B 486 -25.24 -5.66 10.58
CA ILE B 486 -25.91 -6.94 10.45
C ILE B 486 -26.93 -7.13 11.56
N ILE B 487 -26.56 -6.77 12.79
CA ILE B 487 -27.33 -7.23 13.95
C ILE B 487 -28.50 -6.31 14.29
N ILE B 488 -28.33 -4.98 14.20
CA ILE B 488 -29.30 -4.08 14.84
C ILE B 488 -30.70 -4.18 14.25
N PRO B 489 -30.91 -4.09 12.92
CA PRO B 489 -32.29 -4.06 12.42
C PRO B 489 -33.09 -5.30 12.78
N VAL B 490 -32.44 -6.46 12.78
CA VAL B 490 -33.13 -7.69 13.18
C VAL B 490 -33.59 -7.56 14.63
N LEU B 491 -32.76 -6.99 15.49
CA LEU B 491 -33.15 -6.79 16.88
C LEU B 491 -34.34 -5.85 16.98
N ALA B 492 -34.35 -4.78 16.18
CA ALA B 492 -35.48 -3.87 16.23
C ALA B 492 -36.78 -4.57 15.87
N GLU B 493 -36.78 -5.31 14.76
CA GLU B 493 -37.98 -6.01 14.35
C GLU B 493 -38.39 -7.06 15.38
N MET B 494 -37.41 -7.79 15.92
CA MET B 494 -37.71 -8.80 16.92
C MET B 494 -38.35 -8.17 18.15
N SER B 495 -37.82 -7.03 18.59
CA SER B 495 -38.39 -6.36 19.75
C SER B 495 -39.82 -5.93 19.49
N LEU B 496 -40.09 -5.39 18.30
CA LEU B 496 -41.47 -5.03 17.98
C LEU B 496 -42.37 -6.26 17.94
N ALA B 497 -41.80 -7.43 17.60
CA ALA B 497 -42.63 -8.63 17.51
C ALA B 497 -43.11 -9.10 18.87
N ILE B 498 -42.25 -9.07 19.89
CA ILE B 498 -42.57 -9.65 21.18
C ILE B 498 -42.89 -8.59 22.23
N GLU B 499 -43.13 -7.34 21.81
CA GLU B 499 -43.60 -6.28 22.69
C GLU B 499 -42.60 -5.99 23.81
N ILE B 500 -41.40 -5.57 23.40
CA ILE B 500 -40.35 -5.15 24.30
C ILE B 500 -39.83 -3.80 23.83
N HIS B 501 -39.53 -2.91 24.77
CA HIS B 501 -38.99 -1.61 24.42
C HIS B 501 -37.69 -1.78 23.65
N PRO B 502 -37.58 -1.21 22.45
CA PRO B 502 -36.41 -1.52 21.61
C PRO B 502 -35.06 -1.18 22.23
N LEU B 503 -34.99 -0.10 23.00
CA LEU B 503 -33.70 0.29 23.58
C LEU B 503 -33.18 -0.80 24.49
N TYR B 504 -34.07 -1.46 25.23
CA TYR B 504 -33.70 -2.47 26.21
C TYR B 504 -32.81 -3.55 25.61
N LEU B 505 -33.02 -3.90 24.35
CA LEU B 505 -32.15 -4.84 23.66
C LEU B 505 -31.10 -4.17 22.80
N ILE B 506 -31.40 -3.00 22.23
CA ILE B 506 -30.46 -2.40 21.28
C ILE B 506 -29.20 -1.92 21.98
N LEU B 507 -29.35 -1.23 23.10
CA LEU B 507 -28.17 -0.62 23.72
C LEU B 507 -27.13 -1.63 24.18
N PRO B 508 -27.48 -2.68 24.94
CA PRO B 508 -26.43 -3.64 25.32
C PRO B 508 -25.75 -4.29 24.14
N ALA B 509 -26.47 -4.65 23.09
CA ALA B 509 -25.83 -5.25 21.92
C ALA B 509 -24.92 -4.25 21.23
N GLY B 510 -25.39 -3.01 21.07
CA GLY B 510 -24.57 -2.00 20.45
C GLY B 510 -23.27 -1.77 21.18
N LEU B 511 -23.32 -1.76 22.51
CA LEU B 511 -22.08 -1.65 23.27
C LEU B 511 -21.23 -2.91 23.13
N ALA B 512 -21.86 -4.08 23.13
CA ALA B 512 -21.11 -5.33 23.11
C ALA B 512 -20.39 -5.54 21.78
N CYS B 513 -20.84 -4.88 20.71
CA CYS B 513 -20.16 -5.05 19.43
C CYS B 513 -18.71 -4.62 19.50
N SER B 514 -18.35 -3.77 20.45
CA SER B 514 -17.01 -3.21 20.53
C SER B 514 -16.05 -4.01 21.41
N MET B 515 -16.52 -5.07 22.06
CA MET B 515 -15.69 -5.83 22.99
C MET B 515 -14.99 -6.95 22.23
N ALA B 516 -13.79 -6.68 21.73
CA ALA B 516 -13.01 -7.67 21.01
C ALA B 516 -11.59 -7.66 21.54
N PHE B 517 -11.15 -8.77 22.11
CA PHE B 517 -9.85 -8.83 22.76
C PHE B 517 -9.01 -10.05 22.40
N HIS B 518 -9.48 -10.93 21.52
CA HIS B 518 -8.81 -12.21 21.37
C HIS B 518 -7.81 -12.25 20.22
N LEU B 519 -8.20 -11.79 19.04
CA LEU B 519 -7.34 -12.02 17.89
C LEU B 519 -6.85 -10.69 17.30
N PRO B 520 -5.68 -10.69 16.66
CA PRO B 520 -5.17 -9.44 16.08
C PRO B 520 -6.04 -8.90 14.98
N VAL B 521 -6.91 -9.72 14.37
CA VAL B 521 -7.75 -9.24 13.28
C VAL B 521 -9.05 -8.62 13.76
N SER B 522 -9.37 -8.74 15.05
CA SER B 522 -10.68 -8.31 15.53
C SER B 522 -10.83 -6.79 15.50
N THR B 523 -9.77 -6.06 15.84
CA THR B 523 -9.86 -4.61 15.95
C THR B 523 -8.50 -4.00 15.66
N PRO B 524 -8.47 -2.79 15.12
CA PRO B 524 -7.19 -2.19 14.70
C PRO B 524 -6.18 -2.05 15.83
N PRO B 525 -6.58 -1.67 17.05
CA PRO B 525 -5.56 -1.55 18.11
C PRO B 525 -4.80 -2.83 18.36
N ASN B 526 -5.47 -3.99 18.30
CA ASN B 526 -4.78 -5.25 18.47
C ASN B 526 -3.73 -5.44 17.40
N ALA B 527 -4.08 -5.15 16.14
CA ALA B 527 -3.13 -5.30 15.06
C ALA B 527 -1.94 -4.38 15.23
N LEU B 528 -2.19 -3.12 15.60
CA LEU B 528 -1.08 -2.18 15.77
C LEU B 528 -0.15 -2.63 16.88
N VAL B 529 -0.70 -3.06 18.02
CA VAL B 529 0.14 -3.49 19.13
C VAL B 529 0.94 -4.72 18.76
N ALA B 530 0.31 -5.69 18.09
CA ALA B 530 1.02 -6.88 17.68
C ALA B 530 2.14 -6.55 16.70
N GLY B 531 1.90 -5.60 15.79
CA GLY B 531 2.94 -5.21 14.86
C GLY B 531 4.10 -4.50 15.53
N TYR B 532 3.81 -3.59 16.47
CA TYR B 532 4.87 -2.79 17.07
C TYR B 532 5.84 -3.65 17.86
N ALA B 533 5.33 -4.46 18.78
CA ALA B 533 6.12 -5.44 19.51
C ALA B 533 5.59 -6.81 19.17
N ASN B 534 6.47 -7.70 18.71
CA ASN B 534 6.04 -8.99 18.20
C ASN B 534 5.34 -9.80 19.29
N ILE B 535 4.03 -9.94 19.16
CA ILE B 535 3.20 -10.66 20.12
C ILE B 535 2.51 -11.80 19.37
N ARG B 536 2.69 -13.01 19.86
CA ARG B 536 2.06 -14.15 19.21
C ARG B 536 0.59 -14.26 19.62
N THR B 537 -0.18 -14.92 18.75
CA THR B 537 -1.62 -14.98 18.96
C THR B 537 -1.98 -15.77 20.22
N LYS B 538 -1.23 -16.83 20.51
CA LYS B 538 -1.55 -17.68 21.65
C LYS B 538 -1.59 -16.87 22.94
N ASP B 539 -0.54 -16.10 23.21
CA ASP B 539 -0.45 -15.36 24.45
C ASP B 539 -1.58 -14.34 24.55
N MET B 540 -1.88 -13.67 23.44
CA MET B 540 -2.88 -12.61 23.49
C MET B 540 -4.28 -13.17 23.69
N ALA B 541 -4.58 -14.31 23.08
CA ALA B 541 -5.88 -14.95 23.33
C ALA B 541 -6.00 -15.38 24.78
N ILE B 542 -4.94 -16.02 25.32
CA ILE B 542 -4.98 -16.44 26.71
C ILE B 542 -5.20 -15.25 27.62
N ALA B 543 -4.51 -14.13 27.34
CA ALA B 543 -4.67 -12.95 28.17
C ALA B 543 -6.07 -12.38 28.06
N GLY B 544 -6.64 -12.37 26.85
CA GLY B 544 -7.95 -11.79 26.66
C GLY B 544 -9.10 -12.62 27.17
N ILE B 545 -8.85 -13.88 27.54
CA ILE B 545 -9.92 -14.71 28.10
C ILE B 545 -10.63 -14.08 29.31
N GLY B 546 -10.02 -13.07 29.93
CA GLY B 546 -10.57 -12.50 31.15
C GLY B 546 -11.48 -11.29 30.98
N PRO B 547 -10.99 -10.26 30.27
CA PRO B 547 -11.84 -9.09 30.04
C PRO B 547 -13.15 -9.42 29.36
N THR B 548 -13.20 -10.48 28.56
CA THR B 548 -14.48 -10.89 27.98
C THR B 548 -15.51 -11.16 29.06
N ILE B 549 -15.16 -12.00 30.03
CA ILE B 549 -16.08 -12.33 31.11
C ILE B 549 -16.41 -11.09 31.93
N ILE B 550 -15.39 -10.29 32.26
CA ILE B 550 -15.62 -9.12 33.08
C ILE B 550 -16.63 -8.19 32.41
N THR B 551 -16.40 -7.90 31.13
CA THR B 551 -17.28 -6.98 30.41
C THR B 551 -18.68 -7.54 30.27
N ILE B 552 -18.82 -8.84 29.97
CA ILE B 552 -20.14 -9.41 29.81
C ILE B 552 -20.94 -9.27 31.11
N ILE B 553 -20.34 -9.67 32.23
CA ILE B 553 -21.07 -9.63 33.50
C ILE B 553 -21.41 -8.20 33.87
N THR B 554 -20.43 -7.28 33.76
CA THR B 554 -20.68 -5.90 34.12
C THR B 554 -21.78 -5.28 33.28
N LEU B 555 -21.73 -5.52 31.96
CA LEU B 555 -22.73 -4.97 31.07
C LEU B 555 -24.12 -5.48 31.43
N PHE B 556 -24.24 -6.79 31.65
CA PHE B 556 -25.52 -7.36 32.01
C PHE B 556 -26.09 -6.73 33.27
N VAL B 557 -25.27 -6.68 34.34
CA VAL B 557 -25.78 -6.23 35.63
C VAL B 557 -26.14 -4.75 35.59
N PHE B 558 -25.21 -3.91 35.11
CA PHE B 558 -25.52 -2.48 35.08
C PHE B 558 -26.66 -2.15 34.13
N CYS B 559 -26.77 -2.85 33.00
CA CYS B 559 -27.96 -2.65 32.19
C CYS B 559 -29.20 -2.88 33.03
N GLN B 560 -29.39 -4.12 33.49
CA GLN B 560 -30.64 -4.49 34.15
C GLN B 560 -30.95 -3.62 35.36
N THR B 561 -29.93 -3.09 36.04
CA THR B 561 -30.18 -2.32 37.25
C THR B 561 -30.16 -0.82 37.02
N TRP B 562 -29.04 -0.29 36.53
CA TRP B 562 -28.85 1.14 36.40
C TRP B 562 -29.60 1.75 35.22
N GLY B 563 -29.95 0.97 34.19
CA GLY B 563 -30.65 1.57 33.07
C GLY B 563 -32.00 2.11 33.44
N LEU B 564 -32.63 1.54 34.47
CA LEU B 564 -33.94 2.02 34.91
C LEU B 564 -33.87 3.46 35.38
N VAL B 565 -32.78 3.84 36.05
CA VAL B 565 -32.66 5.19 36.57
C VAL B 565 -32.64 6.20 35.43
N VAL B 566 -31.88 5.91 34.38
CA VAL B 566 -31.79 6.84 33.25
C VAL B 566 -33.08 6.83 32.46
N TYR B 567 -33.63 5.66 32.18
CA TYR B 567 -34.89 5.53 31.44
C TYR B 567 -35.91 4.83 32.32
N PRO B 568 -36.77 5.56 33.00
CA PRO B 568 -37.68 4.92 33.97
C PRO B 568 -38.65 3.93 33.34
N ASN B 569 -39.06 4.14 32.09
CA ASN B 569 -40.08 3.32 31.46
C ASN B 569 -39.50 2.22 30.60
N LEU B 570 -38.28 1.78 30.90
CA LEU B 570 -37.65 0.75 30.09
C LEU B 570 -38.39 -0.58 30.17
N ASN B 571 -38.87 -0.94 31.36
CA ASN B 571 -39.58 -2.21 31.52
C ASN B 571 -40.90 -2.21 30.77
N SER B 572 -41.64 -1.12 30.85
CA SER B 572 -42.95 -1.05 30.22
C SER B 572 -42.79 -0.91 28.70
N PHE B 573 -43.90 -1.12 28.00
CA PHE B 573 -43.91 -1.07 26.54
C PHE B 573 -44.67 0.18 26.11
N PRO B 574 -43.99 1.22 25.63
CA PRO B 574 -44.64 2.53 25.51
C PRO B 574 -45.68 2.57 24.39
N GLU B 575 -46.36 3.72 24.33
CA GLU B 575 -47.48 3.89 23.42
C GLU B 575 -47.04 3.94 21.96
N TRP B 576 -46.01 4.74 21.67
CA TRP B 576 -45.57 4.88 20.29
C TRP B 576 -45.09 3.55 19.73
N ALA B 577 -44.51 2.71 20.58
CA ALA B 577 -44.19 1.35 20.16
C ALA B 577 -45.44 0.58 19.77
N GLN B 578 -46.54 0.79 20.50
CA GLN B 578 -47.80 0.15 20.13
C GLN B 578 -48.25 0.64 18.76
N ILE B 579 -48.10 1.93 18.50
CA ILE B 579 -48.48 2.46 17.19
C ILE B 579 -47.66 1.82 16.08
N TYR B 580 -46.35 1.73 16.27
CA TYR B 580 -45.49 1.13 15.27
C TYR B 580 -45.84 -0.34 15.05
N ALA B 581 -46.09 -1.07 16.14
CA ALA B 581 -46.44 -2.47 16.03
C ALA B 581 -47.75 -2.66 15.28
N ALA B 582 -48.74 -1.81 15.56
CA ALA B 582 -50.00 -1.90 14.84
C ALA B 582 -49.80 -1.62 13.35
N ALA B 583 -48.97 -0.63 13.04
CA ALA B 583 -48.69 -0.33 11.64
C ALA B 583 -48.03 -1.52 10.94
N ALA B 584 -47.06 -2.15 11.60
CA ALA B 584 -46.38 -3.29 11.02
C ALA B 584 -47.15 -4.58 11.30
#